data_5FOI
#
_entry.id   5FOI
#
_cell.length_a   54.781
_cell.length_b   59.516
_cell.length_c   74.623
_cell.angle_alpha   83.20
_cell.angle_beta   72.15
_cell.angle_gamma   62.61
#
_symmetry.space_group_name_H-M   'P 1'
#
loop_
_entity.id
_entity.type
_entity.pdbx_description
1 polymer 'MYCINAMICIN VIII C21 METHYL HYDROXYLASE'
2 non-polymer 'PROTOPORPHYRIN IX CONTAINING FE'
3 non-polymer 'Mycinamicin VIII'
4 non-polymer GLYCEROL
5 non-polymer SPERMIDINE
6 water water
#
_entity_poly.entity_id   1
_entity_poly.type   'polypeptide(L)'
_entity_poly.pdbx_seq_one_letter_code
;MGSSHHHHHHSSGLVPRGSHMVVWPMDRTCAWALPEQYAEFRQRATLVPAKVWDGSPTWLVSRYEHVRALLVDPRVTVDP
TRQPRLSEADGDGDGFRSMLMLDPPEHTRLRRMFISAFSVRQVETMRPEIEKIVDGILDRLLALEPPVDILTHLALPMST
QVICHLLGVPYEDREFFQERSELASRPNDDRSMPALIELVEYLDGLVRTKTAHPDTGLLGTAVTERLLKGEITHQELVNN
AVLLLAAGHETSANQVTLSVLTLLRHPETAAELREQPELMPNAVDELLRYHSIADGLRRAATADIVLGDHTIRAGDGLII
LLSSANHDGNTFGAEATFDIHRPARHHVAFGYGPHQCLGQNLARLEMEVTLGKLFRRVPALRLAQEPDALRVRQGSPIFG
IDELLVEW
;
_entity_poly.pdbx_strand_id   A,B
#
loop_
_chem_comp.id
_chem_comp.type
_chem_comp.name
_chem_comp.formula
GOL non-polymer GLYCEROL 'C3 H8 O3'
HEM non-polymer 'PROTOPORPHYRIN IX CONTAINING FE' 'C34 H32 Fe N4 O4'
MY8 non-polymer 'Mycinamicin VIII' 'C29 H49 N O6'
SPD non-polymer SPERMIDINE 'C7 H19 N3'
#
# COMPACT_ATOMS: atom_id res chain seq x y z
N HIS A 20 27.60 -12.81 29.76
CA HIS A 20 26.58 -12.40 30.74
C HIS A 20 27.24 -11.66 31.91
N MET A 21 27.22 -10.33 31.87
CA MET A 21 27.73 -9.46 32.97
C MET A 21 26.54 -8.80 33.73
N VAL A 22 25.93 -7.79 33.13
CA VAL A 22 24.65 -7.21 33.60
C VAL A 22 23.43 -8.02 33.12
N VAL A 23 22.43 -8.15 33.98
CA VAL A 23 21.20 -8.91 33.67
C VAL A 23 20.24 -8.10 32.75
N TRP A 24 19.47 -8.81 31.93
CA TRP A 24 18.40 -8.17 31.17
C TRP A 24 17.17 -9.00 31.40
N PRO A 25 16.02 -8.35 31.63
CA PRO A 25 15.69 -6.94 31.46
C PRO A 25 16.15 -6.02 32.57
N MET A 26 16.46 -4.80 32.16
CA MET A 26 16.72 -3.68 33.03
C MET A 26 15.51 -2.75 32.94
N ASP A 27 15.11 -2.19 34.07
CA ASP A 27 13.99 -1.29 34.15
C ASP A 27 14.55 0.10 34.36
N ARG A 28 13.81 1.11 33.90
CA ARG A 28 14.16 2.48 34.19
C ARG A 28 13.66 2.85 35.55
N THR A 29 14.33 3.84 36.13
CA THR A 29 14.19 4.21 37.54
C THR A 29 13.62 5.64 37.71
N CYS A 30 13.60 6.40 36.63
CA CYS A 30 13.27 7.81 36.66
C CYS A 30 12.42 8.13 35.47
N ALA A 31 11.57 9.14 35.59
CA ALA A 31 10.66 9.53 34.50
C ALA A 31 11.41 10.09 33.33
N TRP A 32 12.61 10.61 33.57
CA TRP A 32 13.36 11.19 32.48
C TRP A 32 14.79 10.70 32.38
N ALA A 33 15.44 10.34 33.48
CA ALA A 33 16.82 9.77 33.43
C ALA A 33 16.88 8.44 32.73
N LEU A 34 17.84 8.26 31.83
CA LEU A 34 18.19 6.88 31.46
C LEU A 34 19.11 6.20 32.49
N PRO A 35 19.12 4.85 32.50
CA PRO A 35 19.99 4.17 33.48
C PRO A 35 21.46 4.55 33.27
N GLU A 36 22.15 4.87 34.37
CA GLU A 36 23.55 5.32 34.34
C GLU A 36 24.40 4.42 33.48
N GLN A 37 24.21 3.12 33.63
CA GLN A 37 24.94 2.12 32.84
C GLN A 37 24.99 2.36 31.34
N TYR A 38 23.87 2.73 30.74
CA TYR A 38 23.84 2.94 29.30
C TYR A 38 25.00 3.77 28.79
N ALA A 39 25.44 4.81 29.50
CA ALA A 39 26.49 5.74 28.94
C ALA A 39 27.88 5.06 28.92
N GLU A 40 28.12 4.16 29.87
CA GLU A 40 29.35 3.42 29.85
C GLU A 40 29.29 2.37 28.72
N PHE A 41 28.11 1.75 28.54
CA PHE A 41 27.92 0.78 27.46
C PHE A 41 28.42 1.35 26.14
N ARG A 42 28.17 2.64 25.93
CA ARG A 42 28.54 3.32 24.71
C ARG A 42 30.01 3.74 24.65
N GLN A 43 30.69 3.74 25.80
CA GLN A 43 32.08 4.18 25.82
C GLN A 43 32.96 3.02 25.32
N ARG A 44 32.38 1.83 25.29
CA ARG A 44 33.07 0.61 24.89
C ARG A 44 33.41 0.35 23.44
N ALA A 45 34.20 -0.74 23.30
CA ALA A 45 34.66 -1.32 22.00
C ALA A 45 33.88 -2.60 21.55
N THR A 46 33.22 -3.27 22.48
CA THR A 46 32.39 -4.41 22.16
C THR A 46 30.93 -4.01 22.30
N LEU A 47 30.10 -5.05 22.29
CA LEU A 47 28.78 -5.04 22.85
C LEU A 47 28.85 -5.69 24.25
N VAL A 48 28.00 -5.19 25.14
CA VAL A 48 27.88 -5.66 26.48
C VAL A 48 27.15 -6.95 26.46
N PRO A 49 27.68 -7.97 27.13
CA PRO A 49 26.93 -9.19 27.29
C PRO A 49 25.91 -9.12 28.43
N ALA A 50 24.83 -9.88 28.29
CA ALA A 50 23.83 -9.86 29.34
C ALA A 50 23.43 -11.24 29.71
N LYS A 51 23.06 -11.43 30.97
CA LYS A 51 22.61 -12.70 31.50
C LYS A 51 21.12 -12.68 31.42
N VAL A 52 20.51 -13.71 30.86
CA VAL A 52 19.07 -13.71 30.68
C VAL A 52 18.53 -15.01 31.22
N TRP A 53 17.27 -14.99 31.60
CA TRP A 53 16.72 -16.14 32.21
C TRP A 53 17.20 -17.48 31.61
N ASP A 54 17.23 -17.64 30.29
CA ASP A 54 17.58 -18.96 29.70
C ASP A 54 19.07 -19.20 29.44
N GLY A 55 19.92 -18.27 29.85
CA GLY A 55 21.38 -18.43 29.70
C GLY A 55 21.92 -18.30 28.29
N SER A 56 21.06 -17.94 27.34
CA SER A 56 21.44 -17.80 25.93
C SER A 56 22.34 -16.61 25.78
N PRO A 57 23.26 -16.68 24.81
CA PRO A 57 24.13 -15.55 24.60
C PRO A 57 23.30 -14.43 24.06
N THR A 58 23.57 -13.24 24.60
CA THR A 58 22.77 -12.05 24.35
C THR A 58 23.65 -10.83 24.50
N TRP A 59 23.62 -9.94 23.50
CA TRP A 59 24.27 -8.64 23.59
C TRP A 59 23.27 -7.48 23.77
N LEU A 60 23.67 -6.46 24.52
CA LEU A 60 22.97 -5.18 24.53
C LEU A 60 23.69 -4.26 23.58
N VAL A 61 22.91 -3.45 22.88
CA VAL A 61 23.36 -2.63 21.79
C VAL A 61 23.00 -1.17 22.15
N SER A 62 24.00 -0.31 22.25
CA SER A 62 23.84 0.98 22.88
C SER A 62 24.19 2.16 21.99
N ARG A 63 24.98 1.97 20.94
CA ARG A 63 25.43 3.12 20.12
C ARG A 63 24.51 3.38 18.92
N TYR A 64 24.33 4.64 18.57
CA TYR A 64 23.46 5.02 17.46
C TYR A 64 23.88 4.33 16.15
N GLU A 65 25.14 4.51 15.75
CA GLU A 65 25.79 3.71 14.68
C GLU A 65 25.37 2.24 14.67
N HIS A 66 25.29 1.59 15.83
CA HIS A 66 25.12 0.14 15.89
C HIS A 66 23.67 -0.27 15.77
N VAL A 67 22.85 0.41 16.56
CA VAL A 67 21.39 0.21 16.55
C VAL A 67 20.87 0.27 15.11
N ARG A 68 21.23 1.32 14.42
CA ARG A 68 20.84 1.50 13.08
C ARG A 68 21.36 0.43 12.16
N ALA A 69 22.64 0.06 12.28
CA ALA A 69 23.23 -0.95 11.38
C ALA A 69 22.52 -2.32 11.49
N LEU A 70 22.17 -2.72 12.74
CA LEU A 70 21.64 -4.05 12.97
C LEU A 70 20.18 -4.15 12.61
N LEU A 71 19.44 -3.09 12.90
CA LEU A 71 18.02 -3.01 12.64
C LEU A 71 17.70 -3.07 11.17
N VAL A 72 18.56 -2.52 10.31
CA VAL A 72 18.44 -2.75 8.85
C VAL A 72 19.18 -3.95 8.27
N ASP A 73 19.92 -4.69 9.06
CA ASP A 73 20.69 -5.78 8.51
C ASP A 73 19.78 -6.98 8.15
N PRO A 74 20.04 -7.66 7.02
CA PRO A 74 19.13 -8.78 6.67
C PRO A 74 19.36 -10.05 7.45
N ARG A 75 20.41 -10.09 8.28
CA ARG A 75 20.72 -11.31 9.07
C ARG A 75 20.24 -11.22 10.53
N VAL A 76 19.41 -10.24 10.82
CA VAL A 76 18.84 -10.01 12.16
C VAL A 76 17.37 -10.40 11.98
N THR A 77 16.81 -11.15 12.91
CA THR A 77 15.45 -11.72 12.75
C THR A 77 14.59 -11.22 13.88
N VAL A 78 13.26 -11.17 13.66
CA VAL A 78 12.24 -10.95 14.73
C VAL A 78 11.54 -12.24 15.14
N ASP A 79 11.68 -13.29 14.33
CA ASP A 79 11.13 -14.63 14.62
C ASP A 79 11.13 -14.89 16.10
N PRO A 80 9.95 -15.00 16.74
CA PRO A 80 10.01 -15.16 18.19
C PRO A 80 10.69 -16.44 18.71
N THR A 81 10.78 -17.47 17.91
CA THR A 81 11.38 -18.70 18.39
C THR A 81 12.90 -18.55 18.51
N ARG A 82 13.49 -17.55 17.88
CA ARG A 82 14.91 -17.33 17.97
C ARG A 82 15.31 -16.37 19.10
N GLN A 83 14.34 -15.70 19.73
CA GLN A 83 14.69 -14.71 20.74
C GLN A 83 14.99 -15.44 22.03
N PRO A 84 16.09 -15.09 22.71
CA PRO A 84 16.31 -15.71 24.01
C PRO A 84 15.21 -15.39 25.03
N ARG A 85 14.82 -16.41 25.77
CA ARG A 85 13.72 -16.31 26.68
C ARG A 85 14.11 -15.50 27.92
N LEU A 86 13.28 -14.52 28.28
CA LEU A 86 13.64 -13.54 29.32
C LEU A 86 13.02 -13.80 30.70
N SER A 87 12.23 -14.86 30.80
CA SER A 87 11.58 -15.25 32.04
C SER A 87 10.80 -16.51 31.79
N GLU A 88 10.18 -17.03 32.83
CA GLU A 88 9.40 -18.25 32.72
C GLU A 88 8.10 -17.97 31.97
N ALA A 89 7.49 -16.82 32.22
CA ALA A 89 6.28 -16.41 31.50
C ALA A 89 6.52 -15.94 30.04
N ASP A 90 7.76 -15.86 29.60
CA ASP A 90 8.08 -15.37 28.25
C ASP A 90 8.05 -16.53 27.24
N GLY A 91 7.39 -16.31 26.12
CA GLY A 91 7.06 -17.41 25.21
C GLY A 91 6.58 -16.84 23.90
N ASP A 92 6.29 -17.73 22.95
CA ASP A 92 6.01 -17.32 21.56
C ASP A 92 4.51 -17.03 21.31
N GLY A 93 3.68 -17.24 22.32
CA GLY A 93 2.27 -16.84 22.26
C GLY A 93 1.36 -17.80 21.51
N ASP A 94 1.82 -19.03 21.34
CA ASP A 94 1.04 -20.12 20.77
C ASP A 94 0.79 -19.81 19.31
N GLY A 95 1.83 -19.37 18.61
CA GLY A 95 1.72 -19.19 17.19
C GLY A 95 1.14 -17.85 16.81
N PHE A 96 0.81 -17.01 17.79
CA PHE A 96 0.41 -15.67 17.45
C PHE A 96 1.56 -14.87 16.85
N ARG A 97 1.33 -14.32 15.67
CA ARG A 97 2.26 -13.50 14.93
C ARG A 97 1.56 -12.28 14.29
N SER A 98 2.05 -11.06 14.54
CA SER A 98 1.67 -9.91 13.75
C SER A 98 2.79 -9.69 12.78
N MET A 99 2.65 -8.77 11.84
CA MET A 99 3.75 -8.37 10.99
C MET A 99 5.02 -8.01 11.77
N LEU A 100 4.85 -7.44 12.96
CA LEU A 100 5.98 -7.02 13.75
C LEU A 100 6.84 -8.22 14.15
N MET A 101 6.27 -9.42 14.01
CA MET A 101 6.97 -10.64 14.40
C MET A 101 7.32 -11.45 13.18
N LEU A 102 7.32 -10.84 11.99
CA LEU A 102 7.75 -11.57 10.81
C LEU A 102 8.86 -10.83 10.07
N ASP A 103 9.73 -11.60 9.44
CA ASP A 103 10.78 -11.09 8.57
C ASP A 103 10.29 -10.87 7.13
N PRO A 104 10.98 -10.01 6.35
CA PRO A 104 10.70 -10.09 4.92
C PRO A 104 10.97 -11.47 4.40
N PRO A 105 10.21 -11.93 3.38
CA PRO A 105 9.21 -11.21 2.59
C PRO A 105 7.78 -11.28 3.14
N GLU A 106 7.54 -12.14 4.13
CA GLU A 106 6.19 -12.28 4.67
C GLU A 106 5.79 -10.97 5.36
N HIS A 107 6.71 -10.37 6.11
CA HIS A 107 6.54 -9.05 6.64
C HIS A 107 6.05 -8.05 5.63
N THR A 108 6.73 -8.02 4.49
CA THR A 108 6.50 -7.08 3.40
C THR A 108 5.10 -7.16 2.77
N ARG A 109 4.66 -8.38 2.48
CA ARG A 109 3.29 -8.58 2.04
C ARG A 109 2.27 -7.97 3.05
N LEU A 110 2.44 -8.25 4.33
CA LEU A 110 1.46 -7.79 5.28
C LEU A 110 1.51 -6.28 5.49
N ARG A 111 2.71 -5.70 5.55
CA ARG A 111 2.79 -4.29 5.78
C ARG A 111 2.28 -3.51 4.57
N ARG A 112 2.59 -3.96 3.35
CA ARG A 112 2.04 -3.42 2.10
C ARG A 112 0.52 -3.21 2.11
N MET A 113 -0.22 -4.10 2.74
CA MET A 113 -1.67 -3.92 2.79
C MET A 113 -2.15 -2.77 3.68
N PHE A 114 -1.36 -2.39 4.66
CA PHE A 114 -1.76 -1.39 5.62
C PHE A 114 -1.13 -0.01 5.38
N ILE A 115 -0.08 0.04 4.57
CA ILE A 115 0.83 1.19 4.48
C ILE A 115 0.20 2.52 4.05
N SER A 116 -0.68 2.48 3.04
CA SER A 116 -1.15 3.72 2.41
C SER A 116 -2.11 4.44 3.31
N ALA A 117 -2.71 3.73 4.25
CA ALA A 117 -3.49 4.41 5.26
C ALA A 117 -2.64 5.35 6.08
N PHE A 118 -1.32 5.13 6.10
CA PHE A 118 -0.46 5.79 7.08
C PHE A 118 0.54 6.76 6.46
N SER A 119 0.41 7.02 5.18
CA SER A 119 1.35 7.89 4.51
C SER A 119 1.23 9.30 5.09
N VAL A 120 2.23 10.13 4.85
CA VAL A 120 2.16 11.53 5.32
C VAL A 120 0.87 12.23 4.88
N ARG A 121 0.57 12.18 3.59
CA ARG A 121 -0.54 12.99 3.06
C ARG A 121 -1.86 12.38 3.40
N GLN A 122 -1.88 11.08 3.51
CA GLN A 122 -3.06 10.44 3.98
C GLN A 122 -3.34 10.74 5.46
N VAL A 123 -2.33 10.76 6.31
CA VAL A 123 -2.51 11.03 7.72
C VAL A 123 -2.86 12.50 7.94
N GLU A 124 -2.36 13.35 7.07
CA GLU A 124 -2.66 14.77 7.17
C GLU A 124 -4.15 15.07 6.98
N THR A 125 -4.91 14.15 6.36
CA THR A 125 -6.33 14.35 6.18
C THR A 125 -7.12 14.06 7.43
N MET A 126 -6.49 13.55 8.48
CA MET A 126 -7.21 13.31 9.73
C MET A 126 -7.05 14.47 10.71
N ARG A 127 -6.26 15.47 10.35
CA ARG A 127 -6.00 16.54 11.28
C ARG A 127 -7.33 17.06 11.82
N PRO A 128 -8.28 17.45 10.91
CA PRO A 128 -9.61 17.92 11.35
C PRO A 128 -10.29 17.05 12.40
N GLU A 129 -10.34 15.75 12.19
CA GLU A 129 -11.01 14.91 13.12
C GLU A 129 -10.21 14.85 14.42
N ILE A 130 -8.88 14.94 14.32
CA ILE A 130 -8.07 14.92 15.55
C ILE A 130 -8.26 16.20 16.36
N GLU A 131 -8.31 17.32 15.67
CA GLU A 131 -8.54 18.62 16.31
C GLU A 131 -9.88 18.63 17.03
N LYS A 132 -10.94 18.12 16.39
CA LYS A 132 -12.27 18.10 17.00
C LYS A 132 -12.26 17.21 18.21
N ILE A 133 -11.59 16.08 18.10
CA ILE A 133 -11.47 15.11 19.18
C ILE A 133 -10.78 15.72 20.38
N VAL A 134 -9.64 16.34 20.17
CA VAL A 134 -8.89 16.87 21.31
C VAL A 134 -9.60 18.09 21.94
N ASP A 135 -10.20 18.93 21.09
CA ASP A 135 -11.17 19.97 21.53
C ASP A 135 -12.18 19.47 22.55
N GLY A 136 -12.86 18.36 22.29
CA GLY A 136 -13.87 17.85 23.24
C GLY A 136 -13.31 17.27 24.52
N ILE A 137 -12.15 16.61 24.42
CA ILE A 137 -11.45 16.08 25.60
C ILE A 137 -11.03 17.23 26.49
N LEU A 138 -10.51 18.30 25.88
CA LEU A 138 -10.11 19.44 26.67
C LEU A 138 -11.33 20.18 27.31
N ASP A 139 -12.41 20.37 26.56
CA ASP A 139 -13.67 20.85 27.18
C ASP A 139 -14.04 19.98 28.36
N ARG A 140 -14.06 18.67 28.17
CA ARG A 140 -14.43 17.76 29.27
C ARG A 140 -13.45 17.93 30.44
N LEU A 141 -12.17 17.87 30.15
CA LEU A 141 -11.15 17.99 31.18
C LEU A 141 -11.23 19.31 31.94
N LEU A 142 -11.39 20.43 31.24
CA LEU A 142 -11.42 21.75 31.92
C LEU A 142 -12.68 22.00 32.77
N ALA A 143 -13.71 21.18 32.56
CA ALA A 143 -14.89 21.16 33.40
C ALA A 143 -14.64 20.54 34.78
N LEU A 144 -13.57 19.76 34.92
CA LEU A 144 -13.29 19.06 36.20
C LEU A 144 -12.62 19.94 37.24
N GLU A 145 -12.82 19.62 38.50
CA GLU A 145 -12.14 20.34 39.59
C GLU A 145 -10.73 19.75 39.67
N PRO A 146 -9.67 20.55 39.40
CA PRO A 146 -8.30 20.06 39.55
C PRO A 146 -7.91 19.70 40.98
N PRO A 147 -6.83 18.93 41.16
CA PRO A 147 -5.87 18.42 40.18
C PRO A 147 -6.41 17.25 39.41
N VAL A 148 -6.08 17.17 38.12
CA VAL A 148 -6.49 16.05 37.28
C VAL A 148 -5.28 15.26 36.78
N ASP A 149 -5.52 13.98 36.52
CA ASP A 149 -4.54 13.07 35.92
C ASP A 149 -4.55 13.16 34.38
N ILE A 150 -3.44 13.61 33.80
CA ILE A 150 -3.27 13.69 32.33
C ILE A 150 -3.44 12.38 31.55
N LEU A 151 -2.92 11.28 32.05
CA LEU A 151 -3.08 10.02 31.32
C LEU A 151 -4.56 9.69 31.21
N THR A 152 -5.31 9.72 32.31
CA THR A 152 -6.70 9.25 32.24
C THR A 152 -7.60 10.25 31.55
N HIS A 153 -7.28 11.54 31.59
CA HIS A 153 -8.22 12.56 31.08
C HIS A 153 -7.83 13.33 29.85
N LEU A 154 -6.60 13.14 29.36
CA LEU A 154 -6.20 13.75 28.13
C LEU A 154 -5.51 12.72 27.22
N ALA A 155 -4.41 12.12 27.69
CA ALA A 155 -3.58 11.29 26.81
C ALA A 155 -4.28 9.99 26.31
N LEU A 156 -4.83 9.19 27.19
CA LEU A 156 -5.50 7.95 26.80
C LEU A 156 -6.82 8.19 25.99
N PRO A 157 -7.67 9.11 26.48
CA PRO A 157 -8.84 9.41 25.64
C PRO A 157 -8.52 9.82 24.22
N MET A 158 -7.49 10.60 23.98
CA MET A 158 -7.31 11.02 22.58
C MET A 158 -6.70 9.96 21.71
N SER A 159 -5.72 9.24 22.27
CA SER A 159 -5.03 8.22 21.47
C SER A 159 -6.08 7.18 21.15
N THR A 160 -6.94 6.86 22.12
CA THR A 160 -7.93 5.81 21.95
C THR A 160 -9.01 6.20 20.93
N GLN A 161 -9.58 7.38 21.09
CA GLN A 161 -10.58 7.86 20.13
C GLN A 161 -10.00 7.94 18.74
N VAL A 162 -8.80 8.49 18.64
CA VAL A 162 -8.16 8.57 17.35
C VAL A 162 -7.98 7.17 16.75
N ILE A 163 -7.60 6.19 17.51
CA ILE A 163 -7.29 4.89 16.88
C ILE A 163 -8.64 4.22 16.55
N CYS A 164 -9.66 4.36 17.42
CA CYS A 164 -10.98 3.81 17.16
C CYS A 164 -11.62 4.40 15.92
N HIS A 165 -11.42 5.71 15.69
CA HIS A 165 -11.93 6.36 14.48
C HIS A 165 -11.23 5.79 13.25
N LEU A 166 -9.90 5.84 13.22
CA LEU A 166 -9.17 5.26 12.09
C LEU A 166 -9.53 3.78 11.79
N LEU A 167 -9.63 2.95 12.82
CA LEU A 167 -9.83 1.52 12.64
C LEU A 167 -11.32 1.10 12.52
N GLY A 168 -12.20 1.88 13.14
CA GLY A 168 -13.59 1.47 13.35
C GLY A 168 -13.74 0.44 14.47
N VAL A 169 -13.06 0.65 15.59
CA VAL A 169 -13.24 -0.21 16.77
C VAL A 169 -14.16 0.53 17.74
N PRO A 170 -15.12 -0.17 18.36
CA PRO A 170 -15.99 0.67 19.24
C PRO A 170 -15.34 1.22 20.52
N TYR A 171 -15.34 2.55 20.65
CA TYR A 171 -14.86 3.27 21.84
C TYR A 171 -15.58 2.83 23.12
N GLU A 172 -16.82 2.35 23.00
CA GLU A 172 -17.57 1.87 24.15
C GLU A 172 -16.81 0.72 24.76
N ASP A 173 -16.05 -0.01 23.94
CA ASP A 173 -15.29 -1.16 24.42
C ASP A 173 -13.97 -0.81 25.13
N ARG A 174 -13.64 0.46 25.21
CA ARG A 174 -12.26 0.87 25.53
C ARG A 174 -11.77 0.41 26.86
N GLU A 175 -12.64 0.27 27.85
CA GLU A 175 -12.16 -0.28 29.11
C GLU A 175 -11.60 -1.73 29.02
N PHE A 176 -12.23 -2.54 28.20
CA PHE A 176 -11.77 -3.90 28.03
C PHE A 176 -10.40 -4.00 27.34
N PHE A 177 -10.25 -3.35 26.18
CA PHE A 177 -9.06 -3.51 25.36
C PHE A 177 -7.85 -2.71 25.90
N GLN A 178 -8.12 -1.54 26.55
CA GLN A 178 -7.08 -0.79 27.23
C GLN A 178 -6.42 -1.60 28.28
N GLU A 179 -7.19 -2.12 29.21
CA GLU A 179 -6.61 -2.90 30.29
C GLU A 179 -5.95 -4.17 29.74
N ARG A 180 -6.51 -4.72 28.68
CA ARG A 180 -5.95 -5.94 28.13
C ARG A 180 -4.63 -5.66 27.38
N SER A 181 -4.54 -4.50 26.74
CA SER A 181 -3.36 -4.15 25.98
C SER A 181 -2.22 -3.94 26.95
N GLU A 182 -2.49 -3.18 28.02
CA GLU A 182 -1.52 -2.95 29.06
C GLU A 182 -0.91 -4.25 29.54
N LEU A 183 -1.73 -5.26 29.73
CA LEU A 183 -1.24 -6.50 30.34
C LEU A 183 -0.56 -7.34 29.30
N ALA A 184 -1.12 -7.35 28.10
CA ALA A 184 -0.53 -8.12 26.99
C ALA A 184 0.89 -7.67 26.70
N SER A 185 1.14 -6.36 26.79
CA SER A 185 2.44 -5.78 26.54
C SER A 185 3.44 -5.91 27.73
N ARG A 186 3.19 -6.85 28.65
CA ARG A 186 4.15 -7.16 29.72
C ARG A 186 4.59 -8.62 29.56
N PRO A 187 5.67 -8.84 28.80
CA PRO A 187 5.95 -10.18 28.34
C PRO A 187 6.47 -11.11 29.40
N ASN A 188 6.83 -10.58 30.56
CA ASN A 188 7.40 -11.36 31.66
C ASN A 188 6.45 -11.53 32.82
N ASP A 189 5.18 -11.29 32.54
CA ASP A 189 4.15 -11.28 33.55
C ASP A 189 3.17 -12.38 33.13
N ASP A 190 2.74 -13.18 34.09
CA ASP A 190 1.71 -14.25 33.93
C ASP A 190 0.46 -13.87 33.18
N ARG A 191 -0.07 -12.70 33.49
CA ARG A 191 -1.34 -12.27 32.94
C ARG A 191 -1.27 -11.88 31.46
N SER A 192 -0.07 -11.77 30.88
CA SER A 192 0.00 -11.28 29.52
C SER A 192 -0.65 -12.27 28.57
N MET A 193 -0.59 -13.58 28.82
CA MET A 193 -1.19 -14.54 27.90
C MET A 193 -2.74 -14.56 27.87
N PRO A 194 -3.39 -14.62 29.05
CA PRO A 194 -4.87 -14.60 28.94
C PRO A 194 -5.35 -13.32 28.26
N ALA A 195 -4.73 -12.18 28.61
CA ALA A 195 -5.10 -10.90 28.05
C ALA A 195 -4.85 -10.91 26.55
N LEU A 196 -3.71 -11.45 26.15
CA LEU A 196 -3.44 -11.54 24.73
C LEU A 196 -4.54 -12.40 24.04
N ILE A 197 -4.87 -13.55 24.64
CA ILE A 197 -5.93 -14.44 24.10
C ILE A 197 -7.26 -13.71 23.97
N GLU A 198 -7.65 -13.02 25.04
CA GLU A 198 -8.85 -12.19 25.00
C GLU A 198 -8.89 -11.09 23.94
N LEU A 199 -7.78 -10.40 23.78
CA LEU A 199 -7.72 -9.39 22.72
C LEU A 199 -7.89 -9.95 21.33
N VAL A 200 -7.28 -11.10 21.05
CA VAL A 200 -7.39 -11.75 19.74
C VAL A 200 -8.86 -12.11 19.52
N GLU A 201 -9.44 -12.71 20.55
CA GLU A 201 -10.85 -13.05 20.58
C GLU A 201 -11.75 -11.81 20.35
N TYR A 202 -11.43 -10.69 20.95
CA TYR A 202 -12.24 -9.52 20.72
C TYR A 202 -12.19 -9.10 19.25
N LEU A 203 -10.99 -9.03 18.68
CA LEU A 203 -10.85 -8.67 17.27
C LEU A 203 -11.35 -9.78 16.37
N ASP A 204 -11.22 -11.02 16.80
CA ASP A 204 -11.82 -12.10 15.99
C ASP A 204 -13.30 -11.81 15.76
N GLY A 205 -14.10 -11.64 16.83
CA GLY A 205 -15.52 -11.18 16.65
C GLY A 205 -15.72 -9.91 15.81
N LEU A 206 -14.88 -8.89 16.00
CA LEU A 206 -15.03 -7.62 15.26
C LEU A 206 -14.80 -7.80 13.74
N VAL A 207 -13.74 -8.50 13.38
CA VAL A 207 -13.46 -8.80 12.00
C VAL A 207 -14.55 -9.69 11.36
N ARG A 208 -15.07 -10.70 12.08
CA ARG A 208 -16.22 -11.47 11.53
C ARG A 208 -17.41 -10.52 11.24
N THR A 209 -17.75 -9.66 12.21
CA THR A 209 -18.76 -8.66 11.93
C THR A 209 -18.45 -7.82 10.71
N LYS A 210 -17.26 -7.21 10.64
CA LYS A 210 -16.92 -6.35 9.49
C LYS A 210 -16.86 -7.10 8.17
N THR A 211 -16.58 -8.37 8.20
CA THR A 211 -16.58 -9.22 7.00
C THR A 211 -17.99 -9.32 6.37
N ALA A 212 -18.98 -9.54 7.23
CA ALA A 212 -20.38 -9.61 6.84
C ALA A 212 -20.97 -8.24 6.51
N HIS A 213 -20.43 -7.18 7.11
CA HIS A 213 -20.92 -5.82 6.95
C HIS A 213 -19.74 -4.83 6.83
N PRO A 214 -19.06 -4.77 5.66
CA PRO A 214 -17.85 -3.95 5.74
C PRO A 214 -18.17 -2.47 6.00
N ASP A 215 -17.43 -1.84 6.90
CA ASP A 215 -17.51 -0.41 7.06
C ASP A 215 -16.30 0.20 6.33
N THR A 216 -16.23 1.52 6.31
CA THR A 216 -15.00 2.18 5.86
C THR A 216 -14.19 2.29 7.12
N GLY A 217 -13.08 2.98 7.13
CA GLY A 217 -12.22 2.78 8.30
C GLY A 217 -11.32 1.57 8.02
N LEU A 218 -10.13 1.61 8.61
CA LEU A 218 -9.05 0.82 8.09
C LEU A 218 -9.36 -0.67 8.08
N LEU A 219 -9.97 -1.21 9.14
CA LEU A 219 -10.24 -2.64 9.19
C LEU A 219 -11.23 -3.06 8.11
N GLY A 220 -12.38 -2.40 8.10
CA GLY A 220 -13.41 -2.70 7.10
C GLY A 220 -12.94 -2.49 5.69
N THR A 221 -12.15 -1.45 5.41
CA THR A 221 -11.51 -1.33 4.09
C THR A 221 -10.57 -2.50 3.76
N ALA A 222 -9.94 -3.12 4.75
CA ALA A 222 -9.04 -4.21 4.43
C ALA A 222 -9.82 -5.51 4.20
N VAL A 223 -11.02 -5.57 4.78
CA VAL A 223 -11.93 -6.70 4.54
C VAL A 223 -12.29 -6.63 3.09
N THR A 224 -12.60 -5.42 2.63
CA THR A 224 -13.18 -5.23 1.31
C THR A 224 -12.14 -5.40 0.23
N GLU A 225 -10.99 -4.79 0.41
CA GLU A 225 -9.92 -4.83 -0.58
C GLU A 225 -8.96 -6.02 -0.49
N ARG A 226 -8.78 -6.63 0.68
CA ARG A 226 -7.73 -7.66 0.82
C ARG A 226 -8.32 -8.97 1.22
N LEU A 227 -9.12 -8.97 2.27
CA LEU A 227 -9.69 -10.24 2.73
C LEU A 227 -10.70 -10.85 1.75
N LEU A 228 -11.60 -10.03 1.18
CA LEU A 228 -12.63 -10.53 0.22
C LEU A 228 -12.05 -10.63 -1.17
N LYS A 229 -10.75 -10.35 -1.30
CA LYS A 229 -10.08 -10.40 -2.57
C LYS A 229 -8.95 -11.41 -2.57
N GLY A 230 -8.79 -12.17 -1.48
CA GLY A 230 -7.83 -13.23 -1.44
C GLY A 230 -6.41 -12.82 -1.12
N GLU A 231 -6.18 -11.65 -0.55
CA GLU A 231 -4.80 -11.19 -0.21
C GLU A 231 -4.40 -11.39 1.23
N ILE A 232 -5.37 -11.69 2.08
CA ILE A 232 -5.07 -11.82 3.48
C ILE A 232 -6.06 -12.72 4.16
N THR A 233 -5.59 -13.53 5.09
CA THR A 233 -6.47 -14.46 5.76
C THR A 233 -7.18 -13.78 6.89
N HIS A 234 -8.15 -14.49 7.44
CA HIS A 234 -8.84 -14.03 8.63
C HIS A 234 -7.92 -13.89 9.84
N GLN A 235 -7.08 -14.89 10.15
CA GLN A 235 -6.24 -14.79 11.39
C GLN A 235 -5.21 -13.66 11.26
N GLU A 236 -4.69 -13.44 10.05
CA GLU A 236 -3.68 -12.40 9.77
C GLU A 236 -4.26 -11.03 10.01
N LEU A 237 -5.45 -10.77 9.46
CA LEU A 237 -6.18 -9.49 9.75
C LEU A 237 -6.48 -9.29 11.23
N VAL A 238 -6.99 -10.30 11.87
CA VAL A 238 -7.23 -10.26 13.30
C VAL A 238 -5.96 -9.94 14.11
N ASN A 239 -4.88 -10.63 13.78
CA ASN A 239 -3.62 -10.45 14.51
C ASN A 239 -3.00 -9.08 14.32
N ASN A 240 -3.03 -8.56 13.09
CA ASN A 240 -2.49 -7.22 12.88
C ASN A 240 -3.41 -6.13 13.40
N ALA A 241 -4.70 -6.46 13.51
CA ALA A 241 -5.67 -5.57 14.17
C ALA A 241 -5.42 -5.46 15.67
N VAL A 242 -5.01 -6.55 16.31
CA VAL A 242 -4.57 -6.46 17.70
C VAL A 242 -3.38 -5.49 17.76
N LEU A 243 -2.38 -5.75 16.94
CA LEU A 243 -1.25 -4.89 16.85
C LEU A 243 -1.63 -3.42 16.56
N LEU A 244 -2.45 -3.15 15.56
CA LEU A 244 -2.80 -1.73 15.30
C LEU A 244 -3.52 -1.11 16.51
N LEU A 245 -4.33 -1.91 17.19
CA LEU A 245 -5.17 -1.36 18.23
C LEU A 245 -4.32 -0.99 19.45
N ALA A 246 -3.55 -1.96 19.93
CA ALA A 246 -2.68 -1.78 21.06
C ALA A 246 -1.51 -0.80 20.82
N ALA A 247 -0.76 -0.99 19.75
CA ALA A 247 0.28 -0.04 19.38
C ALA A 247 -0.36 1.34 19.32
N GLY A 248 -1.47 1.43 18.61
CA GLY A 248 -2.11 2.72 18.29
C GLY A 248 -2.59 3.55 19.47
N HIS A 249 -2.80 2.95 20.63
CA HIS A 249 -3.19 3.78 21.77
C HIS A 249 -2.22 3.80 22.93
N GLU A 250 -1.69 2.64 23.30
CA GLU A 250 -0.88 2.59 24.48
C GLU A 250 0.42 3.41 24.34
N THR A 251 1.02 3.37 23.15
CA THR A 251 2.22 4.13 22.87
C THR A 251 2.04 5.62 22.97
N SER A 252 1.21 6.20 22.11
CA SER A 252 0.96 7.63 22.13
C SER A 252 0.49 8.09 23.52
N ALA A 253 -0.39 7.34 24.14
CA ALA A 253 -0.87 7.73 25.47
C ALA A 253 0.32 8.07 26.38
N ASN A 254 1.33 7.21 26.40
CA ASN A 254 2.48 7.41 27.29
C ASN A 254 3.43 8.54 26.80
N GLN A 255 3.64 8.60 25.50
CA GLN A 255 4.46 9.63 24.99
C GLN A 255 3.87 10.99 25.34
N VAL A 256 2.57 11.16 25.13
CA VAL A 256 1.90 12.42 25.45
C VAL A 256 1.97 12.73 26.95
N THR A 257 1.63 11.78 27.78
CA THR A 257 1.77 12.01 29.22
C THR A 257 3.23 12.47 29.63
N LEU A 258 4.24 11.66 29.29
CA LEU A 258 5.59 12.01 29.60
C LEU A 258 5.96 13.41 29.03
N SER A 259 5.55 13.69 27.81
CA SER A 259 5.83 14.98 27.22
C SER A 259 5.26 16.19 27.96
N VAL A 260 4.09 16.05 28.58
CA VAL A 260 3.47 17.18 29.29
C VAL A 260 4.37 17.48 30.50
N LEU A 261 4.84 16.40 31.11
CA LEU A 261 5.79 16.49 32.23
C LEU A 261 7.03 17.28 31.83
N THR A 262 7.61 16.92 30.69
CA THR A 262 8.85 17.49 30.23
C THR A 262 8.63 18.94 29.92
N LEU A 263 7.55 19.27 29.25
CA LEU A 263 7.28 20.70 28.94
C LEU A 263 6.99 21.49 30.20
N LEU A 264 6.33 20.85 31.16
CA LEU A 264 6.08 21.47 32.43
C LEU A 264 7.41 21.69 33.16
N ARG A 265 8.32 20.70 33.03
CA ARG A 265 9.65 20.78 33.63
C ARG A 265 10.55 21.87 33.02
N HIS A 266 10.25 22.36 31.82
CA HIS A 266 11.03 23.41 31.17
C HIS A 266 10.10 24.52 30.75
N PRO A 267 9.76 25.44 31.67
CA PRO A 267 8.63 26.32 31.33
C PRO A 267 8.83 27.16 30.06
N GLU A 268 10.02 27.71 29.82
CA GLU A 268 10.23 28.40 28.56
C GLU A 268 9.60 27.65 27.40
N THR A 269 9.68 26.32 27.38
CA THR A 269 9.34 25.56 26.16
C THR A 269 7.84 25.60 25.85
N ALA A 270 7.05 25.30 26.87
CA ALA A 270 5.60 25.51 26.82
C ALA A 270 5.22 26.84 26.19
N ALA A 271 5.74 27.93 26.73
CA ALA A 271 5.35 29.26 26.27
C ALA A 271 5.87 29.66 24.89
N GLU A 272 7.01 29.13 24.51
CA GLU A 272 7.61 29.43 23.23
C GLU A 272 6.79 28.76 22.13
N LEU A 273 6.38 27.53 22.40
CA LEU A 273 5.56 26.78 21.47
C LEU A 273 4.17 27.40 21.32
N ARG A 274 3.50 27.55 22.44
CA ARG A 274 2.27 28.34 22.53
C ARG A 274 2.40 29.67 21.75
N GLU A 275 3.56 30.32 21.77
CA GLU A 275 3.77 31.56 20.96
C GLU A 275 4.44 31.37 19.60
N GLN A 276 4.88 30.16 19.25
CA GLN A 276 5.36 29.88 17.88
C GLN A 276 5.06 28.43 17.42
N PRO A 277 3.78 28.13 17.06
CA PRO A 277 3.44 26.74 16.74
C PRO A 277 4.29 26.12 15.66
N GLU A 278 4.89 26.88 14.75
CA GLU A 278 5.72 26.26 13.69
C GLU A 278 6.94 25.55 14.26
N LEU A 279 7.18 25.76 15.55
CA LEU A 279 8.26 25.08 16.27
C LEU A 279 7.80 23.75 16.91
N MET A 280 6.50 23.44 16.80
CA MET A 280 6.00 22.23 17.43
C MET A 280 6.52 20.92 16.81
N PRO A 281 6.52 20.80 15.46
CA PRO A 281 6.94 19.50 14.90
C PRO A 281 8.30 19.07 15.35
N ASN A 282 9.29 19.97 15.34
CA ASN A 282 10.63 19.63 15.81
C ASN A 282 10.67 19.40 17.32
N ALA A 283 9.80 20.11 18.03
CA ALA A 283 9.68 19.90 19.46
C ALA A 283 9.21 18.49 19.72
N VAL A 284 8.18 18.05 18.99
CA VAL A 284 7.66 16.69 19.08
C VAL A 284 8.76 15.63 18.85
N ASP A 285 9.50 15.79 17.75
CA ASP A 285 10.66 14.94 17.50
C ASP A 285 11.66 14.97 18.64
N GLU A 286 11.89 16.13 19.23
CA GLU A 286 12.77 16.17 20.38
C GLU A 286 12.17 15.47 21.62
N LEU A 287 10.84 15.50 21.79
CA LEU A 287 10.21 14.74 22.89
C LEU A 287 10.31 13.27 22.69
N LEU A 288 10.19 12.86 21.43
CA LEU A 288 10.28 11.45 21.04
C LEU A 288 11.69 10.91 21.31
N ARG A 289 12.72 11.60 20.80
CA ARG A 289 14.12 11.28 21.13
C ARG A 289 14.42 11.22 22.63
N TYR A 290 14.14 12.31 23.33
CA TYR A 290 14.42 12.40 24.78
C TYR A 290 13.87 11.26 25.60
N HIS A 291 12.58 10.97 25.49
CA HIS A 291 11.98 9.89 26.26
C HIS A 291 12.22 8.50 25.66
N SER A 292 12.28 8.37 24.34
CA SER A 292 12.46 7.05 23.72
C SER A 292 11.69 5.97 24.43
N ILE A 293 10.38 6.08 24.48
CA ILE A 293 9.61 5.17 25.32
C ILE A 293 9.55 3.72 24.82
N ALA A 294 9.71 3.52 23.55
CA ALA A 294 9.73 2.14 23.05
C ALA A 294 11.21 1.70 23.07
N ASP A 295 11.51 0.72 23.90
CA ASP A 295 12.92 0.36 24.16
C ASP A 295 13.15 -1.12 24.32
N GLY A 296 14.42 -1.50 24.23
CA GLY A 296 14.79 -2.91 24.48
C GLY A 296 14.13 -3.83 23.46
N LEU A 297 14.25 -3.49 22.18
CA LEU A 297 13.78 -4.33 21.11
C LEU A 297 14.58 -5.64 21.01
N ARG A 298 13.88 -6.70 20.62
CA ARG A 298 14.41 -8.02 20.66
C ARG A 298 14.69 -8.53 19.25
N ARG A 299 15.96 -8.86 19.00
CA ARG A 299 16.38 -9.42 17.73
C ARG A 299 17.36 -10.54 18.00
N ALA A 300 17.58 -11.35 16.97
CA ALA A 300 18.61 -12.37 17.02
C ALA A 300 19.32 -12.38 15.68
N ALA A 301 20.61 -12.63 15.72
CA ALA A 301 21.37 -12.87 14.50
C ALA A 301 21.00 -14.24 13.89
N THR A 302 20.82 -14.32 12.58
CA THR A 302 20.68 -15.62 11.88
C THR A 302 22.00 -16.05 11.20
N ALA A 303 23.00 -15.21 11.24
CA ALA A 303 24.30 -15.54 10.67
C ALA A 303 25.28 -14.61 11.32
N ASP A 304 26.57 -14.89 11.16
CA ASP A 304 27.60 -14.09 11.80
C ASP A 304 27.54 -12.68 11.30
N ILE A 305 27.84 -11.71 12.14
CA ILE A 305 27.72 -10.31 11.75
C ILE A 305 28.87 -9.55 12.38
N VAL A 306 29.64 -8.87 11.56
CA VAL A 306 30.83 -8.20 12.03
C VAL A 306 30.48 -6.75 12.32
N LEU A 307 30.63 -6.33 13.56
CA LEU A 307 30.36 -4.95 13.93
C LEU A 307 31.60 -4.32 14.54
N GLY A 308 32.44 -3.69 13.72
CA GLY A 308 33.72 -3.15 14.18
C GLY A 308 34.58 -4.25 14.76
N ASP A 309 34.96 -4.11 16.04
CA ASP A 309 35.81 -5.12 16.74
C ASP A 309 35.09 -6.47 16.95
N HIS A 310 33.78 -6.38 17.12
CA HIS A 310 32.98 -7.44 17.68
C HIS A 310 32.38 -8.30 16.58
N THR A 311 32.46 -9.62 16.74
CA THR A 311 31.75 -10.53 15.85
C THR A 311 30.56 -11.15 16.56
N ILE A 312 29.37 -10.77 16.12
CA ILE A 312 28.14 -11.36 16.63
C ILE A 312 28.03 -12.71 15.92
N ARG A 313 27.61 -13.75 16.66
CA ARG A 313 27.56 -15.13 16.15
C ARG A 313 26.16 -15.58 15.79
N ALA A 314 26.06 -16.41 14.75
CA ALA A 314 24.76 -17.00 14.38
C ALA A 314 24.08 -17.42 15.64
N GLY A 315 22.88 -16.89 15.87
CA GLY A 315 22.06 -17.35 17.00
C GLY A 315 22.07 -16.42 18.19
N ASP A 316 23.00 -15.49 18.23
CA ASP A 316 23.11 -14.58 19.34
C ASP A 316 21.85 -13.68 19.41
N GLY A 317 21.33 -13.45 20.62
CA GLY A 317 20.24 -12.55 20.87
C GLY A 317 20.80 -11.17 20.93
N LEU A 318 19.98 -10.20 20.54
CA LEU A 318 20.31 -8.80 20.60
C LEU A 318 19.19 -8.01 21.29
N ILE A 319 19.58 -7.00 22.09
CA ILE A 319 18.63 -6.21 22.82
C ILE A 319 18.98 -4.83 22.41
N ILE A 320 18.07 -4.22 21.66
CA ILE A 320 18.33 -3.03 20.97
C ILE A 320 17.79 -1.90 21.83
N LEU A 321 18.71 -1.05 22.29
CA LEU A 321 18.38 0.05 23.18
C LEU A 321 18.23 1.36 22.41
N LEU A 322 17.03 1.59 21.85
CA LEU A 322 16.71 2.82 21.14
C LEU A 322 16.97 4.01 21.97
N SER A 323 16.70 3.93 23.25
CA SER A 323 16.87 5.10 24.09
C SER A 323 18.34 5.52 24.17
N SER A 324 19.21 4.58 24.49
CA SER A 324 20.64 4.85 24.53
C SER A 324 21.17 5.37 23.22
N ALA A 325 20.64 4.93 22.09
CA ALA A 325 21.06 5.46 20.82
C ALA A 325 20.53 6.85 20.54
N ASN A 326 19.35 7.13 21.08
CA ASN A 326 18.82 8.49 20.97
C ASN A 326 19.59 9.45 21.86
N HIS A 327 20.22 8.93 22.90
CA HIS A 327 21.07 9.73 23.78
C HIS A 327 22.54 9.53 23.49
N ASP A 328 22.89 9.06 22.31
CA ASP A 328 24.30 8.92 21.95
C ASP A 328 24.94 10.30 21.78
N GLY A 329 25.87 10.65 22.66
CA GLY A 329 26.70 11.89 22.52
C GLY A 329 27.34 12.13 21.16
N ASN A 330 27.85 11.05 20.54
CA ASN A 330 28.50 11.16 19.21
C ASN A 330 27.56 11.53 18.08
N THR A 331 26.26 11.51 18.33
CA THR A 331 25.27 11.88 17.35
C THR A 331 24.49 13.10 17.80
N PHE A 332 24.19 13.18 19.10
CA PHE A 332 23.37 14.24 19.66
C PHE A 332 24.12 14.99 20.78
N GLY A 333 24.50 16.24 20.51
CA GLY A 333 25.22 17.06 21.48
C GLY A 333 24.44 17.47 22.74
N ALA A 334 24.97 17.08 23.91
CA ALA A 334 24.33 17.28 25.24
C ALA A 334 23.05 16.44 25.32
N GLU A 335 23.30 15.15 25.18
CA GLU A 335 22.27 14.14 24.95
C GLU A 335 21.18 14.13 26.03
N ALA A 336 21.60 14.35 27.28
CA ALA A 336 20.69 14.39 28.41
C ALA A 336 19.87 15.69 28.46
N THR A 337 20.20 16.68 27.62
CA THR A 337 19.45 17.94 27.63
C THR A 337 18.24 17.90 26.71
N PHE A 338 17.13 18.44 27.19
CA PHE A 338 15.97 18.64 26.35
C PHE A 338 16.11 19.89 25.56
N ASP A 339 16.22 19.78 24.26
CA ASP A 339 16.47 20.99 23.50
C ASP A 339 15.64 21.07 22.25
N ILE A 340 14.58 21.89 22.27
CA ILE A 340 13.63 21.89 21.14
C ILE A 340 14.12 22.58 19.88
N HIS A 341 15.35 23.08 19.90
CA HIS A 341 15.94 23.71 18.71
C HIS A 341 16.99 22.86 18.00
N ARG A 342 17.36 21.72 18.55
CA ARG A 342 18.29 20.88 17.83
C ARG A 342 17.46 20.15 16.81
N PRO A 343 17.83 20.27 15.53
CA PRO A 343 17.26 19.34 14.60
C PRO A 343 17.35 17.94 15.20
N ALA A 344 16.23 17.25 15.23
CA ALA A 344 16.10 15.97 15.92
C ALA A 344 15.39 14.92 15.06
N ARG A 345 15.12 15.21 13.80
CA ARG A 345 14.39 14.31 12.94
C ARG A 345 14.97 12.93 12.73
N HIS A 346 16.24 12.73 13.09
CA HIS A 346 17.01 11.55 12.70
C HIS A 346 17.17 10.61 13.89
N HIS A 347 16.43 10.87 14.96
CA HIS A 347 16.28 9.96 16.10
C HIS A 347 15.67 8.63 15.70
N VAL A 348 15.74 7.63 16.56
CA VAL A 348 15.20 6.31 16.26
C VAL A 348 14.11 5.90 17.24
N ALA A 349 13.43 6.84 17.87
CA ALA A 349 12.32 6.48 18.75
C ALA A 349 11.29 5.51 18.07
N PHE A 350 11.13 5.62 16.77
CA PHE A 350 10.22 4.72 16.01
C PHE A 350 10.97 3.56 15.34
N GLY A 351 12.11 3.17 15.95
CA GLY A 351 12.91 2.08 15.45
C GLY A 351 13.59 2.52 14.18
N TYR A 352 13.80 1.58 13.27
CA TYR A 352 14.57 1.84 12.02
C TYR A 352 14.55 0.56 11.24
N GLY A 353 14.70 0.59 9.91
CA GLY A 353 14.68 -0.67 9.15
C GLY A 353 13.28 -1.12 8.77
N PRO A 354 13.10 -2.40 8.36
CA PRO A 354 11.76 -2.79 7.85
C PRO A 354 10.59 -2.51 8.80
N HIS A 355 10.77 -2.81 10.08
CA HIS A 355 9.70 -2.61 11.05
C HIS A 355 9.55 -1.18 11.57
N GLN A 356 10.19 -0.21 10.93
CA GLN A 356 10.14 1.16 11.44
C GLN A 356 8.67 1.57 11.61
N CYS A 357 8.32 2.18 12.75
CA CYS A 357 6.88 2.45 13.10
C CYS A 357 5.97 2.83 11.92
N LEU A 358 5.02 1.97 11.61
CA LEU A 358 4.05 2.23 10.56
C LEU A 358 3.18 3.40 11.01
N GLY A 359 2.98 3.59 12.31
CA GLY A 359 2.20 4.76 12.76
C GLY A 359 2.85 6.14 12.90
N GLN A 360 4.11 6.28 12.57
CA GLN A 360 4.85 7.46 13.08
C GLN A 360 4.34 8.85 12.72
N ASN A 361 3.71 8.98 11.53
CA ASN A 361 3.11 10.28 11.13
C ASN A 361 1.85 10.52 11.90
N LEU A 362 1.08 9.47 12.16
CA LEU A 362 -0.09 9.58 12.99
C LEU A 362 0.33 9.90 14.42
N ALA A 363 1.37 9.22 14.94
CA ALA A 363 1.87 9.57 16.28
C ALA A 363 2.29 11.05 16.45
N ARG A 364 2.88 11.60 15.40
CA ARG A 364 3.46 12.94 15.49
C ARG A 364 2.39 13.97 15.38
N LEU A 365 1.46 13.76 14.44
CA LEU A 365 0.29 14.60 14.30
C LEU A 365 -0.48 14.65 15.61
N GLU A 366 -0.73 13.49 16.21
CA GLU A 366 -1.49 13.43 17.45
C GLU A 366 -0.88 14.24 18.50
N MET A 367 0.45 14.15 18.60
CA MET A 367 1.21 14.86 19.63
C MET A 367 1.21 16.37 19.42
N GLU A 368 1.43 16.77 18.17
CA GLU A 368 1.48 18.15 17.75
C GLU A 368 0.15 18.82 18.15
N VAL A 369 -0.98 18.15 17.89
CA VAL A 369 -2.30 18.74 18.11
C VAL A 369 -2.65 18.73 19.58
N THR A 370 -2.45 17.57 20.25
CA THR A 370 -2.69 17.47 21.68
C THR A 370 -1.85 18.47 22.56
N LEU A 371 -0.53 18.43 22.41
CA LEU A 371 0.33 19.35 23.19
C LEU A 371 0.02 20.81 22.81
N GLY A 372 -0.07 21.08 21.50
CA GLY A 372 -0.44 22.39 20.98
C GLY A 372 -1.70 22.94 21.64
N LYS A 373 -2.82 22.22 21.52
CA LYS A 373 -4.08 22.73 22.04
C LYS A 373 -4.05 22.81 23.58
N LEU A 374 -3.51 21.80 24.25
CA LEU A 374 -3.43 21.84 25.71
C LEU A 374 -2.75 23.11 26.24
N PHE A 375 -1.56 23.43 25.75
CA PHE A 375 -0.91 24.58 26.31
C PHE A 375 -1.46 25.90 25.76
N ARG A 376 -2.04 25.88 24.55
CA ARG A 376 -2.78 27.05 24.09
C ARG A 376 -3.97 27.32 25.04
N ARG A 377 -4.55 26.28 25.63
CA ARG A 377 -5.77 26.46 26.43
C ARG A 377 -5.62 26.57 27.91
N VAL A 378 -4.69 25.82 28.46
CA VAL A 378 -4.44 25.83 29.89
C VAL A 378 -3.06 26.41 30.00
N PRO A 379 -2.95 27.70 29.70
CA PRO A 379 -1.65 28.32 29.55
C PRO A 379 -0.89 28.46 30.87
N ALA A 380 -1.54 28.24 31.99
CA ALA A 380 -0.89 28.23 33.29
C ALA A 380 -1.07 26.86 33.92
N LEU A 381 -1.22 25.85 33.09
CA LEU A 381 -1.12 24.47 33.56
C LEU A 381 0.12 24.32 34.44
N ARG A 382 -0.02 23.68 35.60
CA ARG A 382 1.10 23.45 36.51
C ARG A 382 1.14 22.01 36.99
N LEU A 383 2.33 21.54 37.38
CA LEU A 383 2.50 20.23 38.02
C LEU A 383 1.83 20.24 39.36
N ALA A 384 0.98 19.25 39.59
CA ALA A 384 0.23 19.15 40.84
C ALA A 384 0.86 18.17 41.79
N GLN A 385 2.06 17.69 41.50
CA GLN A 385 2.81 16.83 42.42
C GLN A 385 4.31 17.05 42.19
N GLU A 386 5.13 16.55 43.09
CA GLU A 386 6.56 16.77 42.95
C GLU A 386 7.10 15.61 42.09
N PRO A 387 7.85 15.95 41.03
CA PRO A 387 8.08 14.97 39.98
C PRO A 387 9.23 14.03 40.33
N ASP A 388 9.45 13.81 41.62
CA ASP A 388 10.29 12.73 42.09
C ASP A 388 9.45 11.85 43.01
N ALA A 389 8.13 11.93 42.87
CA ALA A 389 7.21 10.95 43.45
C ALA A 389 6.37 10.27 42.36
N LEU A 390 6.74 10.48 41.11
CA LEU A 390 6.06 9.81 40.00
C LEU A 390 6.34 8.31 40.10
N ARG A 391 5.30 7.49 39.92
CA ARG A 391 5.51 6.08 39.70
C ARG A 391 5.89 5.88 38.22
N VAL A 392 6.95 5.11 37.97
CA VAL A 392 7.33 4.71 36.61
C VAL A 392 6.89 3.29 36.25
N ARG A 393 6.52 3.06 34.99
CA ARG A 393 6.16 1.74 34.50
C ARG A 393 7.43 0.96 34.34
N GLN A 394 7.42 -0.30 34.74
CA GLN A 394 8.56 -1.20 34.63
C GLN A 394 8.04 -2.51 34.06
N GLY A 395 8.90 -3.27 33.41
CA GLY A 395 8.50 -4.57 32.90
C GLY A 395 7.72 -4.55 31.59
N SER A 396 7.95 -3.53 30.77
CA SER A 396 7.32 -3.49 29.48
C SER A 396 8.20 -2.81 28.48
N PRO A 397 8.14 -3.21 27.21
CA PRO A 397 9.01 -2.46 26.26
C PRO A 397 8.47 -1.08 25.89
N ILE A 398 7.33 -0.69 26.46
CA ILE A 398 6.78 0.68 26.34
C ILE A 398 6.87 1.41 27.68
N PHE A 399 7.79 2.33 27.82
CA PHE A 399 7.91 3.04 29.08
C PHE A 399 6.75 4.04 29.27
N GLY A 400 6.60 4.50 30.49
CA GLY A 400 5.65 5.55 30.87
C GLY A 400 5.61 5.71 32.38
N ILE A 401 4.65 6.52 32.81
CA ILE A 401 4.34 6.76 34.20
C ILE A 401 2.88 6.44 34.49
N ASP A 402 2.57 5.82 35.61
CA ASP A 402 1.19 5.46 35.99
C ASP A 402 0.15 6.62 35.99
N GLU A 403 0.60 7.82 36.38
CA GLU A 403 -0.27 8.99 36.65
C GLU A 403 0.51 10.29 36.45
N LEU A 404 -0.14 11.35 35.98
CA LEU A 404 0.46 12.68 36.01
C LEU A 404 -0.57 13.77 36.33
N LEU A 405 -0.61 14.13 37.60
CA LEU A 405 -1.55 15.10 38.18
C LEU A 405 -1.15 16.53 37.84
N VAL A 406 -2.12 17.31 37.39
CA VAL A 406 -1.94 18.71 37.07
C VAL A 406 -3.08 19.60 37.63
N GLU A 407 -2.76 20.89 37.81
CA GLU A 407 -3.63 21.96 38.34
C GLU A 407 -3.63 23.12 37.33
N TRP A 408 -4.51 24.10 37.50
CA TRP A 408 -4.48 25.35 36.71
C TRP A 408 -5.23 26.46 37.45
N MET B 21 -24.53 18.49 -29.58
CA MET B 21 -24.25 17.05 -29.23
C MET B 21 -22.74 16.80 -29.41
N VAL B 22 -22.26 15.71 -28.81
CA VAL B 22 -20.84 15.32 -28.85
C VAL B 22 -20.66 14.07 -29.68
N VAL B 23 -19.59 14.01 -30.48
CA VAL B 23 -19.34 12.86 -31.32
C VAL B 23 -18.54 11.75 -30.60
N TRP B 24 -18.84 10.48 -30.93
CA TRP B 24 -18.05 9.35 -30.44
C TRP B 24 -17.65 8.40 -31.55
N PRO B 25 -16.35 8.06 -31.66
CA PRO B 25 -15.19 8.21 -30.75
C PRO B 25 -14.70 9.62 -30.52
N MET B 26 -14.24 9.88 -29.29
CA MET B 26 -13.35 11.00 -28.95
C MET B 26 -11.94 10.44 -28.68
N ASP B 27 -10.93 11.20 -29.07
CA ASP B 27 -9.55 10.86 -28.86
C ASP B 27 -8.93 11.84 -27.89
N ARG B 28 -7.87 11.42 -27.21
CA ARG B 28 -7.14 12.31 -26.32
C ARG B 28 -6.05 12.97 -27.13
N THR B 29 -5.66 14.15 -26.72
CA THR B 29 -4.64 14.88 -27.43
C THR B 29 -3.45 15.24 -26.54
N CYS B 30 -3.48 14.82 -25.28
CA CYS B 30 -2.32 14.99 -24.39
C CYS B 30 -1.93 13.65 -23.80
N ALA B 31 -0.67 13.51 -23.41
CA ALA B 31 -0.20 12.21 -22.88
C ALA B 31 -0.70 11.90 -21.46
N TRP B 32 -1.14 12.91 -20.74
CA TRP B 32 -1.63 12.74 -19.38
C TRP B 32 -2.97 13.44 -19.06
N ALA B 33 -3.27 14.55 -19.72
CA ALA B 33 -4.60 15.17 -19.52
C ALA B 33 -5.75 14.38 -20.21
N LEU B 34 -6.89 14.29 -19.56
CA LEU B 34 -8.12 13.84 -20.22
C LEU B 34 -8.73 14.98 -21.06
N PRO B 35 -9.59 14.65 -22.05
CA PRO B 35 -10.38 15.66 -22.76
C PRO B 35 -11.14 16.56 -21.80
N GLU B 36 -11.10 17.85 -22.12
CA GLU B 36 -11.78 18.90 -21.36
C GLU B 36 -13.17 18.50 -21.00
N GLN B 37 -13.93 17.98 -21.97
CA GLN B 37 -15.38 17.76 -21.77
C GLN B 37 -15.75 16.75 -20.69
N TYR B 38 -14.84 15.85 -20.34
CA TYR B 38 -15.22 14.81 -19.39
C TYR B 38 -15.69 15.42 -18.06
N ALA B 39 -15.03 16.47 -17.62
CA ALA B 39 -15.40 17.14 -16.37
C ALA B 39 -16.76 17.85 -16.50
N GLU B 40 -17.01 18.46 -17.67
CA GLU B 40 -18.35 18.97 -18.01
C GLU B 40 -19.42 17.85 -17.88
N PHE B 41 -19.11 16.66 -18.41
CA PHE B 41 -20.05 15.56 -18.40
C PHE B 41 -20.35 15.07 -16.99
N ARG B 42 -19.42 15.23 -16.06
CA ARG B 42 -19.68 14.70 -14.73
C ARG B 42 -20.56 15.61 -13.88
N GLN B 43 -20.61 16.89 -14.22
CA GLN B 43 -21.51 17.83 -13.54
C GLN B 43 -22.97 17.55 -13.98
N ARG B 44 -23.16 17.15 -15.24
CA ARG B 44 -24.48 16.86 -15.81
C ARG B 44 -25.41 15.94 -15.00
N ALA B 45 -26.70 16.05 -15.32
CA ALA B 45 -27.78 15.21 -14.78
C ALA B 45 -28.10 14.09 -15.76
N THR B 46 -28.43 14.47 -17.00
CA THR B 46 -28.58 13.49 -18.08
C THR B 46 -27.15 13.03 -18.47
N LEU B 47 -26.92 11.71 -18.51
CA LEU B 47 -25.83 11.13 -19.28
C LEU B 47 -25.74 11.94 -20.58
N VAL B 48 -24.54 12.00 -21.15
CA VAL B 48 -24.34 12.78 -22.34
C VAL B 48 -24.74 11.95 -23.53
N PRO B 49 -25.66 12.42 -24.35
CA PRO B 49 -25.92 11.73 -25.60
C PRO B 49 -24.82 11.94 -26.61
N ALA B 50 -24.46 10.88 -27.33
CA ALA B 50 -23.39 11.01 -28.31
C ALA B 50 -23.83 10.63 -29.69
N LYS B 51 -23.25 11.32 -30.64
CA LYS B 51 -23.48 11.14 -32.06
C LYS B 51 -22.48 10.09 -32.62
N VAL B 52 -23.00 8.90 -32.95
CA VAL B 52 -22.15 7.84 -33.48
C VAL B 52 -22.52 7.66 -34.94
N TRP B 53 -21.68 6.92 -35.67
CA TRP B 53 -21.79 6.73 -37.12
C TRP B 53 -23.14 6.13 -37.55
N ASP B 54 -23.60 5.19 -36.74
CA ASP B 54 -24.85 4.50 -36.93
C ASP B 54 -26.15 5.28 -36.85
N GLY B 55 -26.11 6.42 -36.16
CA GLY B 55 -27.32 7.02 -35.64
C GLY B 55 -27.95 6.32 -34.45
N SER B 56 -27.42 5.17 -33.99
CA SER B 56 -28.05 4.46 -32.87
C SER B 56 -28.02 5.31 -31.60
N PRO B 57 -29.10 5.25 -30.79
CA PRO B 57 -29.07 5.92 -29.52
C PRO B 57 -27.89 5.47 -28.72
N THR B 58 -27.07 6.43 -28.26
CA THR B 58 -25.84 6.13 -27.51
C THR B 58 -25.56 7.13 -26.38
N TRP B 59 -25.21 6.65 -25.19
CA TRP B 59 -24.93 7.50 -24.03
C TRP B 59 -23.47 7.39 -23.58
N LEU B 60 -22.82 8.53 -23.27
CA LEU B 60 -21.54 8.48 -22.60
C LEU B 60 -21.75 8.40 -21.10
N VAL B 61 -21.05 7.45 -20.46
CA VAL B 61 -21.09 7.26 -19.02
C VAL B 61 -19.75 7.72 -18.38
N SER B 62 -19.83 8.73 -17.52
CA SER B 62 -18.68 9.54 -17.17
C SER B 62 -18.44 9.64 -15.66
N ARG B 63 -19.43 9.24 -14.85
CA ARG B 63 -19.39 9.33 -13.39
C ARG B 63 -19.02 8.00 -12.76
N TYR B 64 -18.09 8.07 -11.81
CA TYR B 64 -17.63 6.87 -11.10
C TYR B 64 -18.76 5.94 -10.67
N GLU B 65 -19.78 6.47 -10.01
CA GLU B 65 -20.83 5.66 -9.46
C GLU B 65 -21.73 5.07 -10.56
N HIS B 66 -21.82 5.76 -11.69
CA HIS B 66 -22.56 5.29 -12.86
C HIS B 66 -21.77 4.20 -13.61
N VAL B 67 -20.49 4.48 -13.85
CA VAL B 67 -19.62 3.46 -14.50
C VAL B 67 -19.74 2.10 -13.72
N ARG B 68 -19.60 2.17 -12.42
CA ARG B 68 -19.71 0.97 -11.61
C ARG B 68 -21.04 0.25 -11.66
N ALA B 69 -22.14 1.00 -11.64
CA ALA B 69 -23.46 0.40 -11.53
C ALA B 69 -23.88 -0.33 -12.81
N LEU B 70 -23.49 0.24 -13.95
CA LEU B 70 -23.79 -0.34 -15.24
C LEU B 70 -22.90 -1.54 -15.61
N LEU B 71 -21.62 -1.54 -15.19
CA LEU B 71 -20.70 -2.64 -15.50
C LEU B 71 -21.11 -3.88 -14.76
N VAL B 72 -21.67 -3.71 -13.57
CA VAL B 72 -22.09 -4.85 -12.76
C VAL B 72 -23.55 -5.25 -13.02
N ASP B 73 -24.26 -4.53 -13.89
CA ASP B 73 -25.72 -4.71 -14.03
C ASP B 73 -26.03 -5.78 -15.05
N PRO B 74 -26.86 -6.74 -14.68
CA PRO B 74 -27.29 -7.79 -15.61
C PRO B 74 -27.97 -7.38 -16.89
N ARG B 75 -28.57 -6.20 -16.95
CA ARG B 75 -29.27 -5.73 -18.17
C ARG B 75 -28.32 -5.09 -19.23
N VAL B 76 -27.03 -5.17 -18.99
CA VAL B 76 -26.01 -4.58 -19.84
C VAL B 76 -25.31 -5.76 -20.52
N THR B 77 -25.01 -5.65 -21.82
CA THR B 77 -24.44 -6.74 -22.58
C THR B 77 -23.22 -6.26 -23.36
N VAL B 78 -22.28 -7.18 -23.56
CA VAL B 78 -21.10 -6.98 -24.43
C VAL B 78 -21.31 -7.55 -25.88
N ASP B 79 -22.45 -8.23 -26.12
CA ASP B 79 -22.75 -8.83 -27.42
C ASP B 79 -22.39 -7.82 -28.52
N PRO B 80 -21.42 -8.15 -29.37
CA PRO B 80 -21.09 -7.17 -30.39
C PRO B 80 -22.23 -6.81 -31.33
N THR B 81 -23.17 -7.72 -31.59
CA THR B 81 -24.27 -7.43 -32.48
C THR B 81 -25.16 -6.30 -31.88
N ARG B 82 -25.06 -6.00 -30.60
CA ARG B 82 -25.91 -4.99 -29.98
C ARG B 82 -25.22 -3.64 -29.73
N GLN B 83 -24.00 -3.45 -30.21
CA GLN B 83 -23.29 -2.19 -29.96
C GLN B 83 -23.48 -1.33 -31.22
N PRO B 84 -23.70 -0.05 -31.07
CA PRO B 84 -23.71 0.80 -32.25
C PRO B 84 -22.43 0.76 -33.05
N ARG B 85 -22.59 0.81 -34.35
CA ARG B 85 -21.50 0.77 -35.27
C ARG B 85 -20.88 2.14 -35.20
N LEU B 86 -19.55 2.18 -35.16
CA LEU B 86 -18.82 3.43 -34.92
C LEU B 86 -18.08 3.96 -36.18
N SER B 87 -18.05 3.16 -37.22
CA SER B 87 -17.39 3.51 -38.45
C SER B 87 -17.75 2.46 -39.48
N GLU B 88 -17.38 2.70 -40.73
CA GLU B 88 -17.62 1.71 -41.79
C GLU B 88 -16.78 0.48 -41.52
N ALA B 89 -15.60 0.67 -40.94
CA ALA B 89 -14.72 -0.46 -40.59
C ALA B 89 -15.20 -1.24 -39.35
N ASP B 90 -15.85 -0.57 -38.39
CA ASP B 90 -16.37 -1.23 -37.18
C ASP B 90 -17.25 -2.38 -37.63
N GLY B 91 -17.16 -3.50 -36.96
CA GLY B 91 -17.92 -4.67 -37.41
C GLY B 91 -17.81 -5.73 -36.35
N ASP B 92 -18.55 -6.83 -36.53
CA ASP B 92 -18.63 -7.87 -35.52
C ASP B 92 -17.60 -9.02 -35.69
N GLY B 93 -16.70 -8.91 -36.69
CA GLY B 93 -15.49 -9.76 -36.75
C GLY B 93 -15.63 -11.16 -37.32
N ASP B 94 -16.46 -11.29 -38.38
CA ASP B 94 -16.89 -12.58 -38.96
C ASP B 94 -17.11 -13.61 -37.85
N GLY B 95 -17.75 -13.17 -36.76
CA GLY B 95 -18.14 -14.06 -35.67
C GLY B 95 -17.07 -14.42 -34.63
N PHE B 96 -15.91 -13.80 -34.71
CA PHE B 96 -14.91 -13.97 -33.68
C PHE B 96 -15.57 -13.69 -32.32
N ARG B 97 -15.47 -14.60 -31.37
CA ARG B 97 -15.91 -14.36 -30.00
C ARG B 97 -14.92 -14.89 -28.97
N SER B 98 -14.54 -14.02 -28.01
CA SER B 98 -13.77 -14.37 -26.82
C SER B 98 -14.66 -14.15 -25.56
N MET B 99 -14.18 -14.59 -24.40
CA MET B 99 -14.94 -14.40 -23.18
C MET B 99 -15.30 -12.90 -22.99
N LEU B 100 -14.44 -11.98 -23.42
CA LEU B 100 -14.71 -10.54 -23.33
C LEU B 100 -15.94 -10.08 -24.14
N MET B 101 -16.42 -10.93 -25.05
CA MET B 101 -17.49 -10.59 -25.94
C MET B 101 -18.69 -11.44 -25.64
N LEU B 102 -18.72 -12.09 -24.47
CA LEU B 102 -19.86 -12.93 -24.09
C LEU B 102 -20.43 -12.49 -22.75
N ASP B 103 -21.71 -12.70 -22.60
CA ASP B 103 -22.39 -12.52 -21.35
C ASP B 103 -22.46 -13.86 -20.57
N PRO B 104 -22.62 -13.77 -19.22
CA PRO B 104 -22.95 -14.94 -18.44
C PRO B 104 -24.23 -15.51 -19.00
N PRO B 105 -24.43 -16.84 -18.95
CA PRO B 105 -23.59 -17.85 -18.31
C PRO B 105 -22.40 -18.27 -19.15
N GLU B 106 -22.41 -17.98 -20.45
CA GLU B 106 -21.37 -18.50 -21.35
C GLU B 106 -20.00 -17.95 -20.98
N HIS B 107 -19.95 -16.65 -20.68
CA HIS B 107 -18.80 -15.97 -20.10
C HIS B 107 -18.26 -16.68 -18.87
N THR B 108 -19.14 -16.98 -17.93
CA THR B 108 -18.75 -17.63 -16.68
C THR B 108 -17.99 -18.91 -16.93
N ARG B 109 -18.50 -19.73 -17.85
CA ARG B 109 -17.90 -21.01 -18.18
C ARG B 109 -16.44 -20.87 -18.66
N LEU B 110 -16.19 -19.91 -19.55
CA LEU B 110 -14.88 -19.73 -20.14
C LEU B 110 -13.96 -19.05 -19.14
N ARG B 111 -14.42 -18.00 -18.46
CA ARG B 111 -13.61 -17.37 -17.44
C ARG B 111 -13.16 -18.37 -16.34
N ARG B 112 -14.05 -19.27 -15.94
CA ARG B 112 -13.73 -20.22 -14.87
C ARG B 112 -12.61 -21.17 -15.24
N MET B 113 -12.31 -21.27 -16.53
CA MET B 113 -11.21 -22.10 -17.00
C MET B 113 -9.85 -21.43 -16.98
N PHE B 114 -9.81 -20.14 -16.84
CA PHE B 114 -8.51 -19.55 -16.84
C PHE B 114 -8.20 -18.93 -15.50
N ILE B 115 -9.17 -18.84 -14.62
CA ILE B 115 -9.01 -17.97 -13.45
C ILE B 115 -7.96 -18.40 -12.46
N SER B 116 -7.86 -19.68 -12.17
CA SER B 116 -6.95 -20.15 -11.11
C SER B 116 -5.50 -19.84 -11.46
N ALA B 117 -5.18 -19.76 -12.73
CA ALA B 117 -3.86 -19.34 -13.18
C ALA B 117 -3.53 -17.89 -12.94
N PHE B 118 -4.55 -17.09 -12.67
CA PHE B 118 -4.39 -15.67 -12.54
C PHE B 118 -4.67 -15.17 -11.12
N SER B 119 -4.97 -16.06 -10.19
CA SER B 119 -5.16 -15.61 -8.80
C SER B 119 -3.93 -14.89 -8.18
N VAL B 120 -4.17 -14.21 -7.07
CA VAL B 120 -3.14 -13.45 -6.40
C VAL B 120 -1.93 -14.34 -6.07
N ARG B 121 -2.20 -15.49 -5.50
CA ARG B 121 -1.16 -16.36 -4.95
C ARG B 121 -0.37 -16.94 -6.08
N GLN B 122 -1.08 -17.37 -7.09
CA GLN B 122 -0.47 -17.96 -8.26
C GLN B 122 0.43 -16.99 -9.04
N VAL B 123 -0.04 -15.75 -9.23
CA VAL B 123 0.74 -14.75 -9.92
C VAL B 123 2.03 -14.41 -9.13
N GLU B 124 1.93 -14.44 -7.80
CA GLU B 124 3.07 -14.29 -6.90
C GLU B 124 4.20 -15.29 -7.12
N THR B 125 3.84 -16.55 -7.36
CA THR B 125 4.84 -17.53 -7.73
C THR B 125 5.60 -17.13 -8.97
N MET B 126 5.04 -16.29 -9.81
CA MET B 126 5.79 -15.87 -10.99
C MET B 126 6.82 -14.77 -10.74
N ARG B 127 6.83 -14.19 -9.56
CA ARG B 127 7.69 -13.05 -9.31
C ARG B 127 9.16 -13.27 -9.75
N PRO B 128 9.79 -14.38 -9.30
CA PRO B 128 11.16 -14.69 -9.75
C PRO B 128 11.38 -14.74 -11.27
N GLU B 129 10.47 -15.34 -12.04
CA GLU B 129 10.64 -15.34 -13.51
C GLU B 129 10.58 -13.93 -14.05
N ILE B 130 9.77 -13.06 -13.45
CA ILE B 130 9.62 -11.66 -13.94
C ILE B 130 10.83 -10.82 -13.58
N GLU B 131 11.40 -11.08 -12.40
CA GLU B 131 12.62 -10.38 -11.95
C GLU B 131 13.80 -10.75 -12.79
N LYS B 132 13.94 -12.02 -13.15
CA LYS B 132 15.04 -12.41 -14.03
C LYS B 132 14.89 -11.70 -15.40
N ILE B 133 13.69 -11.77 -15.95
CA ILE B 133 13.38 -11.17 -17.25
C ILE B 133 13.67 -9.71 -17.30
N VAL B 134 13.21 -8.94 -16.32
CA VAL B 134 13.45 -7.50 -16.35
C VAL B 134 14.93 -7.13 -16.18
N ASP B 135 15.65 -7.87 -15.34
CA ASP B 135 17.13 -7.68 -15.20
C ASP B 135 17.85 -7.84 -16.53
N GLY B 136 17.51 -8.83 -17.34
CA GLY B 136 18.14 -8.97 -18.67
C GLY B 136 17.79 -7.80 -19.60
N ILE B 137 16.54 -7.33 -19.48
CA ILE B 137 16.07 -6.32 -20.39
C ILE B 137 16.88 -5.10 -20.08
N LEU B 138 16.99 -4.79 -18.80
CA LEU B 138 17.76 -3.62 -18.40
C LEU B 138 19.23 -3.74 -18.81
N ASP B 139 19.87 -4.90 -18.60
CA ASP B 139 21.28 -5.08 -18.99
C ASP B 139 21.41 -4.64 -20.39
N ARG B 140 20.61 -5.24 -21.25
CA ARG B 140 20.75 -5.04 -22.67
C ARG B 140 20.41 -3.58 -23.02
N LEU B 141 19.47 -2.98 -22.30
CA LEU B 141 19.16 -1.56 -22.49
C LEU B 141 20.30 -0.62 -22.06
N LEU B 142 20.91 -0.91 -20.92
CA LEU B 142 22.00 -0.08 -20.43
C LEU B 142 23.33 -0.32 -21.14
N ALA B 143 23.37 -1.22 -22.12
CA ALA B 143 24.52 -1.30 -22.99
C ALA B 143 24.36 -0.35 -24.17
N LEU B 144 23.18 0.27 -24.33
CA LEU B 144 22.99 1.08 -25.53
C LEU B 144 23.44 2.49 -25.36
N GLU B 145 23.78 3.12 -26.48
CA GLU B 145 24.07 4.55 -26.55
C GLU B 145 22.75 5.33 -26.39
N PRO B 146 22.58 6.07 -25.29
CA PRO B 146 21.36 6.89 -25.20
C PRO B 146 21.34 8.01 -26.22
N PRO B 147 20.18 8.66 -26.46
CA PRO B 147 18.85 8.35 -25.92
C PRO B 147 18.23 7.11 -26.55
N VAL B 148 17.32 6.46 -25.82
CA VAL B 148 16.69 5.21 -26.23
C VAL B 148 15.19 5.21 -25.87
N ASP B 149 14.41 4.48 -26.66
CA ASP B 149 12.98 4.42 -26.53
C ASP B 149 12.59 3.41 -25.45
N ILE B 150 11.84 3.86 -24.43
CA ILE B 150 11.33 2.94 -23.35
C ILE B 150 10.36 1.86 -23.82
N LEU B 151 9.46 2.23 -24.72
CA LEU B 151 8.49 1.27 -25.20
C LEU B 151 9.21 0.10 -25.84
N THR B 152 10.05 0.40 -26.83
CA THR B 152 10.72 -0.59 -27.64
C THR B 152 11.72 -1.38 -26.85
N HIS B 153 12.46 -0.73 -25.94
CA HIS B 153 13.56 -1.42 -25.24
C HIS B 153 13.29 -1.81 -23.81
N LEU B 154 12.21 -1.34 -23.22
CA LEU B 154 11.80 -1.85 -21.92
C LEU B 154 10.36 -2.43 -21.84
N ALA B 155 9.40 -1.59 -22.15
CA ALA B 155 8.01 -1.88 -21.82
C ALA B 155 7.53 -3.09 -22.63
N LEU B 156 7.76 -3.07 -23.95
CA LEU B 156 7.27 -4.12 -24.83
C LEU B 156 8.03 -5.45 -24.65
N PRO B 157 9.37 -5.42 -24.64
CA PRO B 157 10.07 -6.69 -24.34
C PRO B 157 9.64 -7.31 -23.02
N MET B 158 9.41 -6.48 -22.03
CA MET B 158 9.01 -6.99 -20.72
C MET B 158 7.69 -7.75 -20.84
N SER B 159 6.70 -7.11 -21.43
CA SER B 159 5.31 -7.59 -21.36
C SER B 159 5.11 -8.77 -22.31
N THR B 160 5.81 -8.74 -23.44
CA THR B 160 5.77 -9.86 -24.35
C THR B 160 6.46 -11.09 -23.73
N GLN B 161 7.60 -10.90 -23.09
CA GLN B 161 8.31 -12.06 -22.57
C GLN B 161 7.52 -12.70 -21.43
N VAL B 162 6.92 -11.92 -20.54
CA VAL B 162 6.14 -12.49 -19.45
C VAL B 162 5.00 -13.32 -20.01
N ILE B 163 4.27 -12.77 -20.97
CA ILE B 163 3.01 -13.35 -21.39
C ILE B 163 3.38 -14.55 -22.24
N CYS B 164 4.48 -14.47 -23.00
CA CYS B 164 5.00 -15.64 -23.73
C CYS B 164 5.43 -16.75 -22.75
N HIS B 165 6.16 -16.38 -21.72
CA HIS B 165 6.45 -17.32 -20.63
C HIS B 165 5.18 -17.91 -20.02
N LEU B 166 4.25 -17.06 -19.62
CA LEU B 166 3.00 -17.55 -19.05
C LEU B 166 2.23 -18.44 -20.03
N LEU B 167 2.14 -18.05 -21.28
CA LEU B 167 1.26 -18.76 -22.20
C LEU B 167 1.93 -19.94 -22.89
N GLY B 168 3.25 -19.87 -23.05
CA GLY B 168 3.97 -20.78 -23.91
C GLY B 168 3.84 -20.38 -25.36
N VAL B 169 3.90 -19.08 -25.66
CA VAL B 169 3.96 -18.59 -27.05
C VAL B 169 5.44 -18.31 -27.33
N PRO B 170 5.89 -18.58 -28.57
CA PRO B 170 7.28 -18.32 -28.92
C PRO B 170 7.61 -16.84 -29.01
N TYR B 171 8.47 -16.38 -28.10
CA TYR B 171 8.96 -15.00 -28.13
C TYR B 171 9.54 -14.63 -29.47
N GLU B 172 10.08 -15.61 -30.20
CA GLU B 172 10.67 -15.30 -31.51
C GLU B 172 9.62 -14.84 -32.54
N ASP B 173 8.34 -15.11 -32.30
CA ASP B 173 7.30 -14.70 -33.22
C ASP B 173 6.79 -13.27 -32.96
N ARG B 174 7.48 -12.55 -32.11
CA ARG B 174 6.92 -11.36 -31.54
C ARG B 174 6.68 -10.20 -32.50
N GLU B 175 7.52 -10.06 -33.53
CA GLU B 175 7.34 -8.99 -34.48
C GLU B 175 6.00 -9.16 -35.22
N PHE B 176 5.66 -10.42 -35.49
CA PHE B 176 4.41 -10.77 -36.10
C PHE B 176 3.17 -10.39 -35.27
N PHE B 177 3.03 -10.99 -34.09
CA PHE B 177 1.85 -10.78 -33.25
C PHE B 177 1.73 -9.39 -32.56
N GLN B 178 2.87 -8.75 -32.32
CA GLN B 178 2.87 -7.39 -31.76
C GLN B 178 2.21 -6.46 -32.72
N GLU B 179 2.63 -6.50 -33.97
CA GLU B 179 2.06 -5.59 -34.95
C GLU B 179 0.59 -5.93 -35.22
N ARG B 180 0.25 -7.21 -35.32
CA ARG B 180 -1.13 -7.56 -35.63
C ARG B 180 -2.07 -7.27 -34.44
N SER B 181 -1.62 -7.58 -33.22
CA SER B 181 -2.34 -7.17 -32.00
C SER B 181 -2.63 -5.67 -32.03
N GLU B 182 -1.59 -4.88 -32.30
N GLU B 182 -1.61 -4.86 -32.31
CA GLU B 182 -1.69 -3.44 -32.37
CA GLU B 182 -1.76 -3.41 -32.32
C GLU B 182 -2.81 -3.00 -33.30
C GLU B 182 -2.81 -2.97 -33.32
N LEU B 183 -2.78 -3.53 -34.52
CA LEU B 183 -3.73 -3.10 -35.55
C LEU B 183 -5.13 -3.64 -35.32
N ALA B 184 -5.21 -4.85 -34.76
CA ALA B 184 -6.49 -5.51 -34.51
C ALA B 184 -7.24 -4.84 -33.37
N SER B 185 -6.52 -4.18 -32.45
CA SER B 185 -7.13 -3.37 -31.39
C SER B 185 -7.49 -1.92 -31.85
N ARG B 186 -7.64 -1.70 -33.15
CA ARG B 186 -8.13 -0.42 -33.67
C ARG B 186 -9.43 -0.65 -34.44
N PRO B 187 -10.58 -0.65 -33.74
CA PRO B 187 -11.81 -1.22 -34.30
C PRO B 187 -12.39 -0.43 -35.47
N ASN B 188 -11.93 0.81 -35.64
CA ASN B 188 -12.35 1.61 -36.78
C ASN B 188 -11.31 1.73 -37.86
N ASP B 189 -10.40 0.77 -37.92
CA ASP B 189 -9.37 0.76 -38.94
C ASP B 189 -9.56 -0.41 -39.91
N ASP B 190 -9.52 -0.11 -41.20
CA ASP B 190 -9.59 -1.15 -42.25
C ASP B 190 -8.65 -2.33 -42.07
N ARG B 191 -7.51 -2.13 -41.38
CA ARG B 191 -6.54 -3.22 -41.21
C ARG B 191 -6.92 -4.12 -40.05
N SER B 192 -7.85 -3.68 -39.20
CA SER B 192 -8.11 -4.42 -38.01
C SER B 192 -8.57 -5.84 -38.34
N MET B 193 -9.41 -6.00 -39.37
CA MET B 193 -9.95 -7.33 -39.71
C MET B 193 -8.89 -8.28 -40.21
N PRO B 194 -8.16 -7.91 -41.27
CA PRO B 194 -7.14 -8.88 -41.67
C PRO B 194 -6.09 -9.16 -40.57
N ALA B 195 -5.76 -8.16 -39.77
CA ALA B 195 -4.88 -8.34 -38.61
C ALA B 195 -5.48 -9.37 -37.67
N LEU B 196 -6.77 -9.21 -37.38
CA LEU B 196 -7.43 -10.12 -36.44
C LEU B 196 -7.45 -11.55 -37.00
N ILE B 197 -7.82 -11.72 -38.27
CA ILE B 197 -7.83 -13.03 -38.92
C ILE B 197 -6.46 -13.75 -38.86
N GLU B 198 -5.38 -13.02 -39.14
CA GLU B 198 -4.04 -13.60 -39.09
C GLU B 198 -3.61 -14.05 -37.72
N LEU B 199 -3.98 -13.29 -36.70
CA LEU B 199 -3.69 -13.69 -35.31
C LEU B 199 -4.43 -14.95 -34.93
N VAL B 200 -5.69 -15.02 -35.32
CA VAL B 200 -6.50 -16.23 -35.09
C VAL B 200 -5.83 -17.43 -35.73
N GLU B 201 -5.41 -17.30 -36.99
CA GLU B 201 -4.64 -18.38 -37.70
C GLU B 201 -3.31 -18.77 -37.00
N TYR B 202 -2.55 -17.77 -36.59
CA TYR B 202 -1.36 -18.03 -35.80
C TYR B 202 -1.57 -18.91 -34.56
N LEU B 203 -2.54 -18.54 -33.73
CA LEU B 203 -2.86 -19.34 -32.54
C LEU B 203 -3.61 -20.61 -32.86
N ASP B 204 -4.29 -20.66 -33.99
CA ASP B 204 -4.80 -21.91 -34.49
C ASP B 204 -3.67 -22.94 -34.69
N GLY B 205 -2.60 -22.56 -35.40
CA GLY B 205 -1.46 -23.48 -35.52
C GLY B 205 -0.83 -23.84 -34.19
N LEU B 206 -0.67 -22.84 -33.34
CA LEU B 206 -0.07 -23.07 -32.02
C LEU B 206 -0.88 -24.02 -31.16
N VAL B 207 -2.19 -23.83 -31.14
CA VAL B 207 -3.04 -24.70 -30.28
C VAL B 207 -3.13 -26.14 -30.79
N ARG B 208 -3.11 -26.29 -32.11
CA ARG B 208 -3.00 -27.62 -32.73
C ARG B 208 -1.71 -28.34 -32.35
N THR B 209 -0.58 -27.68 -32.53
CA THR B 209 0.71 -28.22 -32.02
C THR B 209 0.59 -28.61 -30.56
N LYS B 210 -0.02 -27.79 -29.74
CA LYS B 210 -0.11 -28.13 -28.32
C LYS B 210 -1.13 -29.19 -28.00
N THR B 211 -2.10 -29.36 -28.88
CA THR B 211 -3.06 -30.45 -28.73
C THR B 211 -2.40 -31.82 -28.93
N ALA B 212 -1.59 -31.95 -29.99
CA ALA B 212 -0.70 -33.12 -30.19
C ALA B 212 0.41 -33.27 -29.12
N HIS B 213 1.11 -32.20 -28.78
CA HIS B 213 2.22 -32.24 -27.80
C HIS B 213 2.04 -31.11 -26.77
N PRO B 214 1.22 -31.34 -25.72
CA PRO B 214 1.03 -30.23 -24.75
C PRO B 214 2.27 -29.92 -23.91
N ASP B 215 2.50 -28.64 -23.64
CA ASP B 215 3.48 -28.23 -22.66
C ASP B 215 2.79 -27.84 -21.34
N THR B 216 3.57 -27.44 -20.34
CA THR B 216 3.02 -26.81 -19.13
C THR B 216 2.95 -25.34 -19.56
N GLY B 217 2.58 -24.40 -18.74
CA GLY B 217 2.19 -23.13 -19.35
C GLY B 217 0.70 -23.20 -19.65
N LEU B 218 0.08 -22.03 -19.85
CA LEU B 218 -1.37 -21.90 -19.62
C LEU B 218 -2.17 -22.58 -20.74
N LEU B 219 -1.73 -22.40 -21.98
CA LEU B 219 -2.38 -22.99 -23.13
C LEU B 219 -2.26 -24.50 -23.12
N GLY B 220 -1.04 -25.00 -22.97
CA GLY B 220 -0.85 -26.44 -22.85
C GLY B 220 -1.59 -27.05 -21.67
N THR B 221 -1.57 -26.41 -20.52
CA THR B 221 -2.36 -26.92 -19.40
C THR B 221 -3.86 -26.92 -19.72
N ALA B 222 -4.34 -25.95 -20.47
CA ALA B 222 -5.76 -25.99 -20.84
C ALA B 222 -6.09 -27.05 -21.95
N VAL B 223 -5.15 -27.34 -22.83
CA VAL B 223 -5.35 -28.47 -23.75
C VAL B 223 -5.54 -29.70 -22.91
N THR B 224 -4.66 -29.87 -21.94
CA THR B 224 -4.67 -31.15 -21.19
C THR B 224 -5.73 -31.25 -20.10
N GLU B 225 -6.05 -30.17 -19.38
CA GLU B 225 -7.13 -30.22 -18.39
C GLU B 225 -8.53 -29.94 -18.96
N ARG B 226 -8.64 -29.21 -20.08
CA ARG B 226 -9.90 -28.75 -20.56
C ARG B 226 -10.27 -29.31 -21.92
N LEU B 227 -9.47 -29.02 -22.93
CA LEU B 227 -9.81 -29.45 -24.29
C LEU B 227 -9.81 -30.99 -24.45
N LEU B 228 -8.78 -31.66 -23.94
CA LEU B 228 -8.76 -33.13 -23.98
C LEU B 228 -9.87 -33.73 -23.12
N LYS B 229 -10.40 -32.93 -22.20
CA LYS B 229 -11.34 -33.39 -21.22
C LYS B 229 -12.76 -32.92 -21.46
N GLY B 230 -13.06 -32.33 -22.63
CA GLY B 230 -14.45 -32.08 -23.01
C GLY B 230 -15.10 -30.79 -22.49
N GLU B 231 -14.29 -29.84 -22.05
CA GLU B 231 -14.79 -28.61 -21.43
C GLU B 231 -14.57 -27.36 -22.24
N ILE B 232 -13.80 -27.43 -23.31
CA ILE B 232 -13.63 -26.27 -24.16
C ILE B 232 -13.39 -26.74 -25.58
N THR B 233 -13.82 -25.94 -26.56
CA THR B 233 -13.57 -26.25 -27.96
C THR B 233 -12.25 -25.69 -28.49
N HIS B 234 -11.84 -26.24 -29.61
CA HIS B 234 -10.65 -25.77 -30.22
C HIS B 234 -10.77 -24.30 -30.49
N GLN B 235 -11.92 -23.87 -30.99
CA GLN B 235 -12.07 -22.46 -31.39
C GLN B 235 -12.15 -21.52 -30.17
N GLU B 236 -12.80 -21.97 -29.10
CA GLU B 236 -12.83 -21.20 -27.83
C GLU B 236 -11.42 -21.01 -27.29
N LEU B 237 -10.63 -22.10 -27.25
CA LEU B 237 -9.24 -22.00 -26.85
C LEU B 237 -8.46 -21.03 -27.71
N VAL B 238 -8.55 -21.19 -29.02
CA VAL B 238 -7.85 -20.31 -29.92
C VAL B 238 -8.22 -18.83 -29.79
N ASN B 239 -9.52 -18.53 -29.77
CA ASN B 239 -9.99 -17.16 -29.65
C ASN B 239 -9.60 -16.51 -28.31
N ASN B 240 -9.62 -17.31 -27.25
CA ASN B 240 -9.31 -16.75 -25.93
C ASN B 240 -7.81 -16.59 -25.83
N ALA B 241 -7.10 -17.43 -26.58
CA ALA B 241 -5.66 -17.41 -26.60
C ALA B 241 -5.19 -16.11 -27.22
N VAL B 242 -5.93 -15.66 -28.22
CA VAL B 242 -5.69 -14.35 -28.85
C VAL B 242 -5.95 -13.18 -27.87
N LEU B 243 -7.12 -13.23 -27.24
CA LEU B 243 -7.46 -12.29 -26.16
C LEU B 243 -6.28 -12.15 -25.20
N LEU B 244 -5.84 -13.28 -24.66
CA LEU B 244 -4.77 -13.30 -23.64
C LEU B 244 -3.41 -12.80 -24.12
N LEU B 245 -3.09 -13.14 -25.37
CA LEU B 245 -1.85 -12.71 -25.94
C LEU B 245 -1.83 -11.20 -26.11
N ALA B 246 -2.88 -10.70 -26.72
CA ALA B 246 -2.93 -9.32 -27.14
C ALA B 246 -3.19 -8.42 -25.92
N ALA B 247 -4.13 -8.80 -25.07
CA ALA B 247 -4.34 -8.09 -23.80
C ALA B 247 -3.03 -8.15 -22.99
N GLY B 248 -2.34 -9.28 -23.08
CA GLY B 248 -1.16 -9.59 -22.30
C GLY B 248 0.05 -8.70 -22.43
N HIS B 249 0.31 -8.20 -23.62
CA HIS B 249 1.45 -7.35 -23.80
C HIS B 249 1.08 -5.93 -24.14
N GLU B 250 0.06 -5.70 -24.97
CA GLU B 250 -0.16 -4.34 -25.49
C GLU B 250 -0.59 -3.35 -24.41
N THR B 251 -1.46 -3.88 -23.58
CA THR B 251 -1.99 -3.18 -22.45
C THR B 251 -0.85 -2.78 -21.44
N SER B 252 -0.11 -3.70 -20.86
CA SER B 252 0.83 -3.27 -19.86
C SER B 252 2.07 -2.57 -20.41
N ALA B 253 2.54 -2.93 -21.61
CA ALA B 253 3.59 -2.15 -22.29
C ALA B 253 3.25 -0.66 -22.29
N ASN B 254 2.06 -0.31 -22.80
CA ASN B 254 1.61 1.09 -22.81
C ASN B 254 1.47 1.73 -21.38
N GLN B 255 0.94 0.98 -20.44
CA GLN B 255 0.90 1.46 -19.08
C GLN B 255 2.31 1.76 -18.57
N VAL B 256 3.22 0.80 -18.71
CA VAL B 256 4.61 0.97 -18.27
C VAL B 256 5.23 2.21 -18.93
N THR B 257 5.14 2.26 -20.24
CA THR B 257 5.65 3.40 -20.94
C THR B 257 5.09 4.68 -20.38
N LEU B 258 3.77 4.83 -20.28
CA LEU B 258 3.27 6.09 -19.73
C LEU B 258 3.64 6.30 -18.24
N SER B 259 3.67 5.24 -17.47
CA SER B 259 4.15 5.34 -16.09
C SER B 259 5.57 5.92 -15.91
N VAL B 260 6.51 5.53 -16.77
CA VAL B 260 7.85 6.07 -16.72
C VAL B 260 7.78 7.58 -16.92
N LEU B 261 6.96 8.02 -17.88
CA LEU B 261 6.80 9.45 -18.17
C LEU B 261 6.29 10.19 -16.93
N THR B 262 5.31 9.63 -16.24
CA THR B 262 4.73 10.36 -15.16
C THR B 262 5.74 10.48 -14.01
N LEU B 263 6.51 9.41 -13.75
CA LEU B 263 7.47 9.43 -12.66
C LEU B 263 8.64 10.39 -12.88
N LEU B 264 9.09 10.49 -14.12
CA LEU B 264 10.11 11.43 -14.54
C LEU B 264 9.63 12.88 -14.48
N ARG B 265 8.36 13.11 -14.77
CA ARG B 265 7.71 14.43 -14.64
C ARG B 265 7.47 14.89 -13.20
N HIS B 266 7.37 13.95 -12.26
CA HIS B 266 7.23 14.24 -10.82
C HIS B 266 8.46 13.63 -10.19
N PRO B 267 9.61 14.31 -10.29
CA PRO B 267 10.86 13.65 -9.91
C PRO B 267 11.00 13.18 -8.46
N GLU B 268 10.26 13.75 -7.51
CA GLU B 268 10.30 13.27 -6.14
C GLU B 268 9.76 11.87 -6.00
N THR B 269 8.79 11.52 -6.83
CA THR B 269 8.13 10.23 -6.70
C THR B 269 9.11 9.14 -7.12
N ALA B 270 9.79 9.35 -8.24
CA ALA B 270 10.87 8.47 -8.68
C ALA B 270 11.91 8.21 -7.57
N ALA B 271 12.47 9.26 -7.01
CA ALA B 271 13.40 9.04 -5.88
C ALA B 271 12.74 8.40 -4.64
N GLU B 272 11.57 8.88 -4.24
CA GLU B 272 10.95 8.40 -3.01
C GLU B 272 10.69 6.91 -3.13
N LEU B 273 10.28 6.47 -4.31
CA LEU B 273 9.88 5.08 -4.51
C LEU B 273 11.11 4.15 -4.40
N ARG B 274 12.22 4.67 -4.91
CA ARG B 274 13.53 4.04 -4.91
C ARG B 274 14.11 3.90 -3.52
N GLU B 275 13.92 4.93 -2.70
CA GLU B 275 14.30 4.87 -1.29
C GLU B 275 13.32 4.04 -0.46
N GLN B 276 12.08 3.84 -0.94
CA GLN B 276 11.03 3.19 -0.13
C GLN B 276 10.08 2.26 -0.91
N PRO B 277 10.61 1.13 -1.42
CA PRO B 277 9.87 0.19 -2.30
C PRO B 277 8.50 -0.31 -1.76
N GLU B 278 8.23 -0.18 -0.47
CA GLU B 278 6.95 -0.67 0.06
C GLU B 278 5.79 0.25 -0.34
N LEU B 279 6.11 1.45 -0.80
CA LEU B 279 5.14 2.40 -1.40
C LEU B 279 4.80 2.07 -2.85
N MET B 280 5.59 1.22 -3.50
CA MET B 280 5.40 0.98 -4.93
C MET B 280 4.02 0.40 -5.27
N PRO B 281 3.51 -0.57 -4.49
CA PRO B 281 2.19 -1.19 -4.76
C PRO B 281 1.06 -0.17 -4.95
N ASN B 282 0.90 0.75 -3.99
CA ASN B 282 -0.09 1.80 -4.13
C ASN B 282 0.28 2.81 -5.20
N ALA B 283 1.58 2.95 -5.48
CA ALA B 283 2.02 3.88 -6.52
C ALA B 283 1.59 3.42 -7.92
N VAL B 284 1.62 2.11 -8.11
CA VAL B 284 1.15 1.43 -9.29
C VAL B 284 -0.36 1.59 -9.49
N ASP B 285 -1.13 1.40 -8.42
CA ASP B 285 -2.56 1.69 -8.47
C ASP B 285 -2.83 3.15 -8.81
N GLU B 286 -2.10 4.05 -8.20
CA GLU B 286 -2.28 5.47 -8.58
C GLU B 286 -1.84 5.75 -10.01
N LEU B 287 -0.93 4.95 -10.59
CA LEU B 287 -0.61 5.08 -12.05
C LEU B 287 -1.71 4.53 -12.93
N LEU B 288 -2.31 3.45 -12.50
CA LEU B 288 -3.40 2.85 -13.25
C LEU B 288 -4.54 3.84 -13.30
N ARG B 289 -4.85 4.43 -12.14
CA ARG B 289 -5.95 5.45 -12.04
C ARG B 289 -5.64 6.66 -12.87
N TYR B 290 -4.47 7.20 -12.67
CA TYR B 290 -4.16 8.48 -13.27
C TYR B 290 -4.29 8.42 -14.78
N HIS B 291 -3.75 7.38 -15.40
CA HIS B 291 -3.74 7.23 -16.88
C HIS B 291 -4.94 6.47 -17.47
N SER B 292 -5.56 5.55 -16.71
CA SER B 292 -6.75 4.81 -17.21
C SER B 292 -6.68 4.56 -18.72
N ILE B 293 -5.71 3.78 -19.15
CA ILE B 293 -5.52 3.56 -20.61
C ILE B 293 -6.57 2.69 -21.29
N ALA B 294 -7.24 1.84 -20.56
CA ALA B 294 -8.30 1.09 -21.16
C ALA B 294 -9.51 1.95 -20.98
N ASP B 295 -10.14 2.30 -22.09
CA ASP B 295 -11.18 3.30 -22.02
C ASP B 295 -12.13 3.22 -23.17
N GLY B 296 -13.32 3.72 -22.91
CA GLY B 296 -14.36 3.69 -23.92
C GLY B 296 -14.96 2.30 -24.03
N LEU B 297 -15.31 1.67 -22.90
CA LEU B 297 -15.81 0.31 -22.96
C LEU B 297 -17.17 0.37 -23.61
N ARG B 298 -17.44 -0.60 -24.47
CA ARG B 298 -18.73 -0.62 -25.18
C ARG B 298 -19.70 -1.59 -24.51
N ARG B 299 -20.87 -1.06 -24.19
CA ARG B 299 -21.93 -1.84 -23.62
C ARG B 299 -23.27 -1.46 -24.28
N ALA B 300 -24.26 -2.34 -24.16
CA ALA B 300 -25.64 -2.02 -24.60
C ALA B 300 -26.62 -2.46 -23.57
N ALA B 301 -27.73 -1.76 -23.52
CA ALA B 301 -28.81 -2.11 -22.60
C ALA B 301 -29.71 -3.17 -23.24
N THR B 302 -30.06 -4.22 -22.52
CA THR B 302 -30.98 -5.25 -22.99
C THR B 302 -32.43 -5.00 -22.48
N ALA B 303 -32.60 -4.08 -21.53
CA ALA B 303 -33.91 -3.72 -20.97
C ALA B 303 -33.69 -2.31 -20.40
N ASP B 304 -34.77 -1.68 -19.96
CA ASP B 304 -34.67 -0.35 -19.41
C ASP B 304 -33.91 -0.36 -18.12
N ILE B 305 -33.14 0.70 -17.89
CA ILE B 305 -32.34 0.83 -16.67
C ILE B 305 -32.48 2.23 -16.19
N VAL B 306 -33.02 2.39 -14.99
CA VAL B 306 -33.13 3.71 -14.40
C VAL B 306 -31.85 4.04 -13.68
N LEU B 307 -31.28 5.19 -14.02
CA LEU B 307 -30.00 5.60 -13.45
C LEU B 307 -30.06 6.97 -12.79
N GLY B 308 -30.72 7.05 -11.63
CA GLY B 308 -30.98 8.33 -10.98
C GLY B 308 -32.05 9.07 -11.77
N ASP B 309 -31.74 10.27 -12.25
CA ASP B 309 -32.71 11.07 -13.01
C ASP B 309 -33.11 10.34 -14.33
N HIS B 310 -32.09 9.87 -15.04
CA HIS B 310 -32.15 9.28 -16.39
C HIS B 310 -32.74 7.85 -16.47
N THR B 311 -33.54 7.58 -17.50
CA THR B 311 -33.85 6.21 -17.90
C THR B 311 -33.17 5.83 -19.22
N ILE B 312 -32.26 4.87 -19.14
CA ILE B 312 -31.67 4.27 -20.32
C ILE B 312 -32.68 3.26 -20.85
N ARG B 313 -32.88 3.32 -22.16
CA ARG B 313 -33.82 2.44 -22.84
C ARG B 313 -33.19 1.20 -23.48
N ALA B 314 -34.03 0.19 -23.69
CA ALA B 314 -33.66 -1.06 -24.29
C ALA B 314 -33.08 -0.84 -25.63
N GLY B 315 -31.87 -1.35 -25.84
CA GLY B 315 -31.19 -1.16 -27.10
C GLY B 315 -30.20 -0.04 -27.05
N ASP B 316 -30.33 0.88 -26.09
CA ASP B 316 -29.41 2.03 -25.97
C ASP B 316 -27.94 1.66 -25.83
N GLY B 317 -27.12 2.22 -26.71
CA GLY B 317 -25.68 2.04 -26.64
C GLY B 317 -25.10 2.79 -25.45
N LEU B 318 -24.04 2.26 -24.87
CA LEU B 318 -23.36 2.91 -23.79
C LEU B 318 -21.87 2.90 -24.06
N ILE B 319 -21.22 4.05 -23.83
CA ILE B 319 -19.79 4.14 -23.84
C ILE B 319 -19.30 4.52 -22.47
N ILE B 320 -18.49 3.62 -21.90
CA ILE B 320 -18.12 3.66 -20.50
C ILE B 320 -16.71 4.25 -20.38
N LEU B 321 -16.64 5.40 -19.76
CA LEU B 321 -15.40 6.16 -19.68
C LEU B 321 -14.71 5.93 -18.35
N LEU B 322 -13.94 4.85 -18.28
CA LEU B 322 -13.20 4.51 -17.10
C LEU B 322 -12.27 5.68 -16.66
N SER B 323 -11.69 6.41 -17.63
CA SER B 323 -10.83 7.52 -17.34
C SER B 323 -11.57 8.57 -16.57
N SER B 324 -12.69 9.02 -17.13
CA SER B 324 -13.54 9.97 -16.42
C SER B 324 -13.84 9.49 -14.99
N ALA B 325 -14.23 8.23 -14.81
CA ALA B 325 -14.59 7.74 -13.48
C ALA B 325 -13.44 7.76 -12.48
N ASN B 326 -12.26 7.44 -12.98
CA ASN B 326 -11.06 7.43 -12.21
C ASN B 326 -10.62 8.84 -11.85
N HIS B 327 -11.15 9.80 -12.57
CA HIS B 327 -10.89 11.22 -12.34
C HIS B 327 -12.11 11.92 -11.75
N ASP B 328 -13.05 11.15 -11.20
CA ASP B 328 -14.27 11.70 -10.65
C ASP B 328 -13.95 12.34 -9.32
N GLY B 329 -14.11 13.68 -9.32
CA GLY B 329 -13.78 14.53 -8.19
C GLY B 329 -14.42 14.09 -6.89
N ASN B 330 -15.60 13.49 -6.99
CA ASN B 330 -16.31 13.04 -5.79
C ASN B 330 -15.76 11.82 -5.15
N THR B 331 -15.04 11.02 -5.91
CA THR B 331 -14.47 9.81 -5.36
C THR B 331 -12.96 9.98 -5.09
N PHE B 332 -12.33 10.86 -5.86
CA PHE B 332 -10.89 11.08 -5.85
C PHE B 332 -10.65 12.58 -5.77
N GLY B 333 -10.33 13.08 -4.58
CA GLY B 333 -9.98 14.52 -4.40
C GLY B 333 -8.69 14.97 -5.10
N ALA B 334 -8.72 16.19 -5.68
CA ALA B 334 -7.68 16.70 -6.59
C ALA B 334 -7.46 15.77 -7.79
N GLU B 335 -8.56 15.45 -8.44
CA GLU B 335 -8.63 14.30 -9.35
C GLU B 335 -7.49 14.21 -10.35
N ALA B 336 -7.13 15.35 -10.95
CA ALA B 336 -6.14 15.37 -12.03
C ALA B 336 -4.68 15.45 -11.53
N THR B 337 -4.43 15.40 -10.21
CA THR B 337 -3.05 15.34 -9.72
C THR B 337 -2.57 13.91 -9.50
N PHE B 338 -1.31 13.68 -9.82
CA PHE B 338 -0.67 12.41 -9.53
C PHE B 338 -0.22 12.46 -8.07
N ASP B 339 -0.71 11.54 -7.25
CA ASP B 339 -0.41 11.59 -5.84
C ASP B 339 -0.27 10.18 -5.33
N ILE B 340 0.96 9.71 -5.17
CA ILE B 340 1.18 8.32 -4.80
C ILE B 340 0.87 7.98 -3.34
N HIS B 341 0.31 8.92 -2.59
CA HIS B 341 -0.15 8.61 -1.24
C HIS B 341 -1.65 8.52 -1.15
N ARG B 342 -2.40 8.88 -2.20
CA ARG B 342 -3.86 8.62 -2.16
C ARG B 342 -4.08 7.08 -2.16
N PRO B 343 -4.76 6.54 -1.15
CA PRO B 343 -5.17 5.15 -1.39
C PRO B 343 -6.01 5.06 -2.70
N ALA B 344 -5.57 4.22 -3.62
CA ALA B 344 -6.08 4.21 -4.99
C ALA B 344 -6.66 2.87 -5.43
N ARG B 345 -6.66 1.88 -4.53
CA ARG B 345 -7.11 0.50 -4.81
C ARG B 345 -8.52 0.35 -5.41
N HIS B 346 -9.31 1.40 -5.31
CA HIS B 346 -10.70 1.42 -5.75
C HIS B 346 -10.88 2.13 -7.11
N HIS B 347 -9.79 2.41 -7.83
CA HIS B 347 -9.90 2.87 -9.22
C HIS B 347 -10.59 1.80 -10.10
N VAL B 348 -10.91 2.15 -11.35
CA VAL B 348 -11.60 1.23 -12.24
C VAL B 348 -10.82 1.04 -13.53
N ALA B 349 -9.55 1.43 -13.55
CA ALA B 349 -8.66 1.17 -14.68
C ALA B 349 -8.80 -0.26 -15.23
N PHE B 350 -9.11 -1.22 -14.36
CA PHE B 350 -9.35 -2.59 -14.80
C PHE B 350 -10.83 -2.98 -15.06
N GLY B 351 -11.71 -1.98 -15.10
CA GLY B 351 -13.15 -2.19 -15.19
C GLY B 351 -13.67 -2.69 -13.86
N TYR B 352 -14.86 -3.24 -13.89
CA TYR B 352 -15.64 -3.65 -12.72
C TYR B 352 -16.68 -4.56 -13.36
N GLY B 353 -17.30 -5.42 -12.56
CA GLY B 353 -18.30 -6.34 -13.13
C GLY B 353 -17.70 -7.69 -13.51
N PRO B 354 -18.50 -8.56 -14.14
CA PRO B 354 -18.06 -9.89 -14.60
C PRO B 354 -16.73 -9.87 -15.39
N HIS B 355 -16.56 -8.88 -16.24
CA HIS B 355 -15.41 -8.84 -17.11
C HIS B 355 -14.22 -8.11 -16.51
N GLN B 356 -14.22 -7.85 -15.21
CA GLN B 356 -13.10 -7.08 -14.63
C GLN B 356 -11.79 -7.83 -14.92
N CYS B 357 -10.73 -7.11 -15.32
CA CYS B 357 -9.46 -7.70 -15.85
C CYS B 357 -8.99 -9.01 -15.21
N LEU B 358 -9.00 -10.10 -15.96
CA LEU B 358 -8.53 -11.40 -15.40
C LEU B 358 -7.02 -11.33 -15.06
N GLY B 359 -6.26 -10.59 -15.83
CA GLY B 359 -4.85 -10.46 -15.60
C GLY B 359 -4.35 -9.36 -14.68
N GLN B 360 -5.22 -8.86 -13.81
CA GLN B 360 -4.90 -7.63 -13.09
C GLN B 360 -3.77 -7.81 -12.07
N ASN B 361 -3.71 -8.98 -11.42
CA ASN B 361 -2.60 -9.29 -10.49
C ASN B 361 -1.28 -9.45 -11.21
N LEU B 362 -1.32 -10.02 -12.41
CA LEU B 362 -0.14 -10.07 -13.24
C LEU B 362 0.29 -8.70 -13.68
N ALA B 363 -0.67 -7.87 -14.07
CA ALA B 363 -0.33 -6.54 -14.54
C ALA B 363 0.35 -5.66 -13.50
N ARG B 364 -0.05 -5.82 -12.24
CA ARG B 364 0.42 -5.00 -11.15
C ARG B 364 1.82 -5.41 -10.76
N LEU B 365 2.03 -6.73 -10.68
CA LEU B 365 3.34 -7.30 -10.42
C LEU B 365 4.33 -6.83 -11.50
N GLU B 366 3.94 -6.90 -12.78
CA GLU B 366 4.81 -6.49 -13.87
C GLU B 366 5.22 -5.09 -13.71
N MET B 367 4.29 -4.26 -13.27
CA MET B 367 4.55 -2.84 -13.17
C MET B 367 5.52 -2.59 -12.00
N GLU B 368 5.21 -3.21 -10.87
CA GLU B 368 5.97 -3.10 -9.63
C GLU B 368 7.44 -3.52 -9.83
N VAL B 369 7.67 -4.68 -10.42
CA VAL B 369 9.03 -5.17 -10.74
C VAL B 369 9.77 -4.28 -11.75
N THR B 370 9.08 -3.87 -12.81
CA THR B 370 9.69 -3.14 -13.93
C THR B 370 10.02 -1.69 -13.56
N LEU B 371 9.05 -1.01 -12.98
CA LEU B 371 9.28 0.33 -12.50
C LEU B 371 10.29 0.39 -11.34
N GLY B 372 10.09 -0.47 -10.35
CA GLY B 372 11.02 -0.58 -9.26
C GLY B 372 12.43 -0.80 -9.73
N LYS B 373 12.64 -1.74 -10.64
CA LYS B 373 14.00 -2.05 -11.06
C LYS B 373 14.61 -0.99 -11.94
N LEU B 374 13.78 -0.27 -12.70
CA LEU B 374 14.28 0.73 -13.59
C LEU B 374 14.88 1.89 -12.83
N PHE B 375 14.21 2.34 -11.78
CA PHE B 375 14.70 3.50 -11.05
C PHE B 375 15.75 3.12 -10.01
N ARG B 376 15.78 1.85 -9.60
CA ARG B 376 16.91 1.36 -8.81
C ARG B 376 18.19 1.37 -9.66
N ARG B 377 18.12 0.88 -10.90
CA ARG B 377 19.32 0.73 -11.71
C ARG B 377 19.75 1.96 -12.47
N VAL B 378 18.85 2.91 -12.67
CA VAL B 378 19.11 4.03 -13.52
C VAL B 378 18.55 5.24 -12.83
N PRO B 379 19.11 5.58 -11.65
CA PRO B 379 18.60 6.74 -10.90
C PRO B 379 18.78 8.05 -11.67
N ALA B 380 19.84 8.13 -12.47
CA ALA B 380 20.14 9.30 -13.28
C ALA B 380 19.19 9.51 -14.47
N LEU B 381 18.06 8.81 -14.51
CA LEU B 381 17.24 8.72 -15.75
C LEU B 381 16.52 10.01 -16.01
N ARG B 382 16.55 10.45 -17.24
CA ARG B 382 15.91 11.70 -17.60
C ARG B 382 15.20 11.54 -18.93
N LEU B 383 14.20 12.40 -19.14
CA LEU B 383 13.55 12.55 -20.44
C LEU B 383 14.52 13.17 -21.41
N ALA B 384 14.51 12.71 -22.66
CA ALA B 384 15.37 13.29 -23.71
C ALA B 384 14.58 14.00 -24.80
N GLN B 385 13.26 14.06 -24.66
CA GLN B 385 12.38 14.94 -25.48
C GLN B 385 11.45 15.70 -24.52
N GLU B 386 11.09 16.94 -24.85
CA GLU B 386 10.16 17.64 -23.99
C GLU B 386 8.80 17.00 -24.22
N PRO B 387 7.96 16.92 -23.17
CA PRO B 387 6.77 16.07 -23.31
C PRO B 387 5.70 16.61 -24.27
N ASP B 388 5.80 17.89 -24.64
CA ASP B 388 4.90 18.48 -25.64
C ASP B 388 5.04 17.84 -27.05
N ALA B 389 6.24 17.40 -27.42
CA ALA B 389 6.46 16.70 -28.72
C ALA B 389 6.28 15.14 -28.71
N LEU B 390 5.52 14.61 -27.76
CA LEU B 390 5.23 13.20 -27.71
C LEU B 390 4.07 12.92 -28.66
N ARG B 391 4.00 11.72 -29.24
CA ARG B 391 2.91 11.42 -30.17
C ARG B 391 1.90 10.48 -29.50
N VAL B 392 0.73 11.06 -29.21
CA VAL B 392 -0.41 10.32 -28.71
C VAL B 392 -1.03 9.30 -29.70
N ARG B 393 -1.19 8.05 -29.25
CA ARG B 393 -1.93 7.02 -29.98
C ARG B 393 -3.46 7.30 -29.94
N GLN B 394 -4.09 7.33 -31.11
CA GLN B 394 -5.52 7.59 -31.27
C GLN B 394 -6.26 6.42 -31.94
N GLY B 395 -7.57 6.31 -31.71
CA GLY B 395 -8.38 5.26 -32.31
C GLY B 395 -8.12 3.84 -31.83
N SER B 396 -7.89 3.69 -30.53
CA SER B 396 -7.85 2.38 -29.92
C SER B 396 -8.46 2.49 -28.58
N PRO B 397 -9.14 1.45 -28.10
CA PRO B 397 -9.56 1.60 -26.70
C PRO B 397 -8.40 1.43 -25.72
N ILE B 398 -7.17 1.25 -26.22
CA ILE B 398 -5.95 1.21 -25.37
C ILE B 398 -5.07 2.41 -25.60
N PHE B 399 -5.10 3.38 -24.70
CA PHE B 399 -4.32 4.59 -24.90
C PHE B 399 -2.80 4.31 -24.67
N GLY B 400 -1.96 5.20 -25.18
CA GLY B 400 -0.51 5.11 -24.95
C GLY B 400 0.21 6.11 -25.82
N ILE B 401 1.53 6.10 -25.79
CA ILE B 401 2.32 6.96 -26.67
C ILE B 401 3.17 6.16 -27.66
N ASP B 402 3.49 6.77 -28.79
CA ASP B 402 4.21 6.09 -29.88
C ASP B 402 5.61 5.72 -29.49
N GLU B 403 6.20 6.52 -28.62
CA GLU B 403 7.62 6.50 -28.34
C GLU B 403 7.86 7.34 -27.10
N LEU B 404 8.76 6.88 -26.21
CA LEU B 404 9.29 7.70 -25.12
C LEU B 404 10.83 7.64 -24.97
N LEU B 405 11.51 8.74 -25.24
CA LEU B 405 12.96 8.75 -25.42
C LEU B 405 13.58 9.20 -24.15
N VAL B 406 14.33 8.31 -23.52
CA VAL B 406 15.00 8.63 -22.29
C VAL B 406 16.52 8.62 -22.48
N GLU B 407 17.23 9.27 -21.56
CA GLU B 407 18.71 9.28 -21.54
C GLU B 407 19.20 9.07 -20.12
N TRP B 408 20.49 8.84 -19.95
CA TRP B 408 21.10 8.82 -18.63
C TRP B 408 22.56 9.26 -18.74
CHA HEM C . 6.35 -0.41 15.26
CHB HEM C . 7.45 3.20 18.28
CHC HEM C . 2.95 4.88 17.75
CHD HEM C . 1.79 1.33 14.81
C1A HEM C . 7.03 0.42 16.08
C2A HEM C . 8.36 0.22 16.53
C3A HEM C . 8.64 1.25 17.39
C4A HEM C . 7.51 2.08 17.47
CMA HEM C . 9.92 1.51 18.14
CAA HEM C . 9.33 -0.88 16.09
CBA HEM C . 9.47 -2.07 17.06
CGA HEM C . 10.48 -3.08 16.55
O1A HEM C . 11.16 -2.89 15.47
O2A HEM C . 10.65 -4.14 17.22
C1B HEM C . 6.30 3.99 18.44
C2B HEM C . 6.19 5.16 19.26
C3B HEM C . 4.91 5.60 19.10
C4B HEM C . 4.25 4.69 18.17
CMB HEM C . 7.26 5.82 20.14
CAB HEM C . 4.22 6.78 19.61
CBB HEM C . 4.86 7.76 20.20
C1C HEM C . 2.21 4.11 16.91
C2C HEM C . 0.91 4.41 16.47
C3C HEM C . 0.57 3.41 15.61
C4C HEM C . 1.68 2.49 15.54
CMC HEM C . -0.02 5.58 16.79
CAC HEM C . -0.82 3.38 15.08
CBC HEM C . -1.38 2.23 14.81
C1D HEM C . 2.98 0.58 14.75
C2D HEM C . 3.07 -0.64 13.89
C3D HEM C . 4.31 -1.14 14.03
C4D HEM C . 5.01 -0.21 14.95
CMD HEM C . 1.98 -1.30 13.06
CAD HEM C . 4.82 -2.39 13.33
CBD HEM C . 5.53 -1.98 12.05
CGD HEM C . 6.15 -3.17 11.37
O1D HEM C . 6.41 -4.21 12.05
O2D HEM C . 6.40 -3.17 10.16
NA HEM C . 6.52 1.55 16.66
NB HEM C . 5.13 3.79 17.81
NC HEM C . 2.68 3.00 16.32
ND HEM C . 4.20 0.85 15.28
FE HEM C . 4.65 2.25 16.47
O1 MY8 D . 5.91 -3.14 21.75
C1 MY8 D . 5.89 -2.32 20.58
C2 MY8 D . 6.75 -1.19 21.12
C3 MY8 D . 8.15 -1.70 21.32
C4 MY8 D . 4.51 -1.73 20.41
C5 MY8 D . 4.77 -0.95 19.13
C6 MY8 D . 3.56 -2.64 19.70
C7 MY8 D . 2.67 -3.31 20.44
C8 MY8 D . 1.95 -4.49 20.06
C9 MY8 D . 1.35 -5.18 21.04
C10 MY8 D . 0.51 -6.26 20.50
O2 MY8 D . 0.43 -6.43 19.29
C11 MY8 D . 0.18 -7.41 21.40
C12 MY8 D . -0.90 -6.80 22.29
C13 MY8 D . 1.21 -7.74 22.42
C14 MY8 D . 2.52 -8.14 21.74
C15 MY8 D . 2.18 -9.42 20.98
C16 MY8 D . 3.63 -8.53 22.65
O3 MY8 D . 2.98 -9.25 23.73
C17 MY8 D . 3.77 -10.40 24.12
O4 MY8 D . 3.56 -11.27 23.02
C18 MY8 D . 4.12 -12.58 23.16
C19 MY8 D . 4.18 -13.19 21.81
C20 MY8 D . 3.64 -13.44 24.28
C21 MY8 D . 3.90 -12.56 25.47
N1 MY8 D . 3.39 -13.15 26.72
C22 MY8 D . 2.10 -13.81 26.54
C23 MY8 D . 4.31 -14.18 27.20
C24 MY8 D . 3.18 -11.24 25.20
O5 MY8 D . 3.32 -10.49 26.39
C25 MY8 D . 3.98 -7.23 23.26
C26 MY8 D . 4.95 -7.69 24.32
C27 MY8 D . 4.90 -6.47 22.38
C28 MY8 D . 4.97 -5.15 22.39
C29 MY8 D . 5.67 -4.39 21.31
O6 MY8 D . 6.04 -4.74 20.21
C1 GOL E . 9.71 -5.55 22.40
O1 GOL E . 10.16 -6.54 23.35
C2 GOL E . 9.73 -6.09 20.97
O2 GOL E . 10.99 -6.64 20.60
C3 GOL E . 9.45 -4.93 20.03
O3 GOL E . 9.24 -5.37 18.69
C1 GOL F . 8.51 30.81 13.44
O1 GOL F . 9.39 30.69 14.58
C2 GOL F . 7.44 29.71 13.44
O2 GOL F . 6.63 29.87 12.27
C3 GOL F . 6.63 29.79 14.75
O3 GOL F . 5.22 29.52 14.60
N1 SPD G . -12.76 -11.86 25.27
C2 SPD G . -13.32 -10.98 24.25
C3 SPD G . -14.83 -11.10 24.22
C4 SPD G . -15.46 -10.43 25.42
C5 SPD G . -16.62 -9.53 25.02
N6 SPD G . -16.01 -8.34 24.48
C7 SPD G . -16.24 -7.00 24.96
C8 SPD G . -17.19 -6.24 24.04
C9 SPD G . -17.35 -6.89 22.65
N10 SPD G . -18.02 -8.18 22.63
N1 SPD H . -13.76 -16.65 27.83
C2 SPD H . -14.64 -16.08 26.83
C3 SPD H . -14.88 -14.59 27.13
C4 SPD H . -16.24 -14.05 26.65
C5 SPD H . -17.25 -13.85 27.80
N6 SPD H . -17.27 -12.51 28.41
C7 SPD H . -16.45 -12.22 29.60
C8 SPD H . -15.90 -10.80 29.74
C9 SPD H . -15.81 -10.20 28.36
N10 SPD H . -15.25 -8.87 28.34
N1 SPD I . 35.86 -11.52 39.81
C2 SPD I . 35.67 -12.28 38.59
C3 SPD I . 35.34 -11.28 37.50
C4 SPD I . 34.16 -10.42 37.93
C5 SPD I . 33.62 -9.66 36.72
N6 SPD I . 32.70 -8.60 37.09
C7 SPD I . 31.40 -8.87 37.70
C8 SPD I . 31.01 -7.70 38.59
C9 SPD I . 31.18 -6.37 37.86
N10 SPD I . 30.42 -5.34 38.51
CHA HEM J . -10.23 -7.46 -19.31
CHB HEM J . -7.68 -3.49 -18.59
CHC HEM J . -3.60 -6.22 -18.38
CHD HEM J . -6.15 -10.05 -19.67
C1A HEM J . -9.89 -6.17 -19.07
C2A HEM J . -10.81 -5.13 -18.95
C3A HEM J . -10.06 -4.03 -18.79
C4A HEM J . -8.72 -4.37 -18.79
CMA HEM J . -10.58 -2.65 -18.60
CAA HEM J . -12.33 -5.17 -19.02
CBA HEM J . -12.76 -4.67 -20.41
CGA HEM J . -14.30 -4.55 -20.54
O1A HEM J . -14.98 -4.70 -19.51
O2A HEM J . -14.87 -4.28 -21.64
C1B HEM J . -6.32 -3.90 -18.46
C2B HEM J . -5.24 -2.95 -18.16
C3B HEM J . -4.10 -3.75 -18.14
C4B HEM J . -4.51 -5.15 -18.38
CMB HEM J . -5.30 -1.44 -17.95
CAB HEM J . -2.68 -3.43 -17.82
CBB HEM J . -2.30 -2.26 -17.34
C1C HEM J . -3.90 -7.50 -18.70
C2C HEM J . -2.96 -8.54 -18.76
C3C HEM J . -3.66 -9.67 -19.15
C4C HEM J . -5.07 -9.28 -19.30
CMC HEM J . -1.47 -8.48 -18.49
CAC HEM J . -2.91 -10.92 -19.32
CBC HEM J . -3.40 -12.06 -19.78
C1D HEM J . -7.47 -9.58 -19.67
C2D HEM J . -8.58 -10.48 -19.96
C3D HEM J . -9.71 -9.76 -19.83
C4D HEM J . -9.26 -8.41 -19.50
CMD HEM J . -8.51 -11.93 -20.33
CAD HEM J . -11.13 -10.20 -20.06
CBD HEM J . -11.85 -10.51 -18.76
CGD HEM J . -13.24 -11.02 -19.10
O1D HEM J . -13.73 -10.87 -20.24
O2D HEM J . -13.94 -11.59 -18.27
NA HEM J . -8.61 -5.71 -18.93
NB HEM J . -5.82 -5.14 -18.55
NC HEM J . -5.15 -7.97 -19.00
ND HEM J . -7.92 -8.38 -19.31
FE HEM J . -6.92 -6.84 -18.95
O1 MY8 K . -9.39 -3.94 -25.38
C1 MY8 K . -9.33 -4.38 -24.05
C2 MY8 K . -8.96 -3.04 -23.45
C3 MY8 K . -10.15 -2.09 -23.40
C4 MY8 K . -8.04 -5.12 -23.90
C5 MY8 K . -8.19 -5.61 -22.48
C6 MY8 K . -8.09 -6.45 -24.58
C7 MY8 K . -7.68 -6.56 -25.84
C8 MY8 K . -7.94 -7.69 -26.69
C9 MY8 K . -7.60 -7.70 -27.98
C10 MY8 K . -8.06 -8.88 -28.75
O2 MY8 K . -8.71 -9.75 -28.21
C11 MY8 K . -8.19 -8.73 -30.20
C12 MY8 K . -6.77 -8.93 -30.72
C13 MY8 K . -8.80 -7.42 -30.66
C14 MY8 K . -10.23 -7.27 -30.10
C15 MY8 K . -11.13 -8.32 -30.75
C16 MY8 K . -11.07 -6.10 -30.50
O3 MY8 K . -10.83 -6.05 -31.93
C17 MY8 K . -12.05 -5.85 -32.68
O4 MY8 K . -12.76 -7.11 -32.78
C18 MY8 K . -13.94 -6.95 -33.57
C19 MY8 K . -15.02 -7.95 -33.29
C20 MY8 K . -13.72 -6.68 -35.02
C21 MY8 K . -12.98 -5.38 -35.00
N1 MY8 K . -12.51 -5.00 -36.34
C22 MY8 K . -12.13 -6.10 -37.22
C23 MY8 K . -13.41 -4.10 -37.07
C24 MY8 K . -11.77 -5.65 -34.15
O5 MY8 K . -11.00 -4.49 -34.21
C25 MY8 K . -10.33 -4.94 -29.93
C26 MY8 K . -11.15 -3.67 -30.22
C27 MY8 K . -10.65 -5.00 -28.49
C28 MY8 K . -9.81 -4.66 -27.52
C29 MY8 K . -10.22 -4.80 -26.10
O6 MY8 K . -11.13 -5.50 -25.68
#